data_4QCL
#
_entry.id   4QCL
#
_cell.length_a   140.763
_cell.length_b   140.763
_cell.length_c   181.315
_cell.angle_alpha   90.00
_cell.angle_beta   90.00
_cell.angle_gamma   120.00
#
_symmetry.space_group_name_H-M   'P 32 2 1'
#
loop_
_entity.id
_entity.type
_entity.pdbx_description
1 polymer 'DNA polymerase alpha catalytic subunit'
2 polymer 'RNA PRIMER'
3 polymer 'DNA TEMPLATE'
4 non-polymer "2'-DEOXYCYTIDINE-5'-TRIPHOSPHATE"
5 non-polymer 'MAGNESIUM ION'
6 non-polymer 'ZINC ION'
7 non-polymer 'POTASSIUM ION'
8 non-polymer 'PENTAETHYLENE GLYCOL'
9 non-polymer 1,2-ETHANEDIOL
10 water water
#
loop_
_entity_poly.entity_id
_entity_poly.type
_entity_poly.pdbx_seq_one_letter_code
_entity_poly.pdbx_strand_id
1 'polypeptide(L)'
;DEEQVFHFYWLDAYEDQYNQPGVVFLFGKVWIESAETHVSCCVMVKNIERTLYFLPREMKIDLNTGKETGTPISMKDVYE
EFDEKIATKYKIMKFKSKPVEKNYAFEIPDVPEKSEYLEVKYSAEMPQLPQDLKGETFSHVFGTNTSSLELFLMNRKIKG
PCWLEVKSPQLLNQPVSWCKAEAMALKPDLVNVIKDVSPPPLVVMAFSMKTMQNAKNHQNEIIAMAALVHHSFALDKAAP
KPPFQSHFCVVSKPKDCIFPYAFKEVIEKKNVKVEVAATERTLLGFFLAKVHKIDPDIIVGHNIYGFELEVLLQRINVCK
APHWSKIGRLKRSNMPKLGGRSGFGERNATCGRMICDVEISAKELIRCKSYHLSELVQQILKTERVVIPMENIQNMYSES
SQLLYLLEHTWKDAKFILQIMCELNVLPLALQITNIAGNIMSRTLMGGRSERNEFLLLHAFYENNYIVPDKQIFRKPQQK
LGDEDEEIDGDTNKYKKGRKKAAYAGGLVLDPKVGFYDKFILLLDFNSLYPSIIQEFNICFTTVQRVASEAQKVTEDGEQ
EQIPELPDPSLEMGILPREIRKLVERRKQVKQLMKQQDLNPDLILQYDIRQKALKLTANSMYGCLGFSYSRFYAKPLAAL
VTYKGREILMHTKEMVQKMNLEVIYGDTDSIMINTNSTNLEEVFKLGNKVKSEVNKLYKLLEIDIDGVFKSLLLLKKKKY
AALVVEPTSDGNYVTKQELKGLDIVRRDWCDLAKDTGNFVIGQILSDQSRDTIVENIQKRLIEIGENVLNGSVPVSQFEI
NKALTKDPQDYPDKKSLPHVHVALWINSQGGRKVKAGDTVSYVICQDGSNLTASQRAYAPEQLQKQDNLTIDTQYYLAQQ
IHPVVARICEPIDGIDAVLIATWLGLDPTQFRVHHYHKDEEN
;
A
2 'polydeoxyribonucleotide/polyribonucleotide hybrid' GCCUGGAGCG(DC) B
3 'polydeoxyribonucleotide'
;(DA)(DT)(DT)(DA)(DC)(DT)(DA)(DT)(DA)(DG)(DG)(DC)(DG)(DC)(DT)(DC)(DC)(DA)(DG)(DG)
(DC)
;
C
#
loop_
_chem_comp.id
_chem_comp.type
_chem_comp.name
_chem_comp.formula
1PE non-polymer 'PENTAETHYLENE GLYCOL' 'C10 H22 O6'
A RNA linking ADENOSINE-5'-MONOPHOSPHATE 'C10 H14 N5 O7 P'
C RNA linking CYTIDINE-5'-MONOPHOSPHATE 'C9 H14 N3 O8 P'
DA DNA linking 2'-DEOXYADENOSINE-5'-MONOPHOSPHATE 'C10 H14 N5 O6 P'
DC DNA linking 2'-DEOXYCYTIDINE-5'-MONOPHOSPHATE 'C9 H14 N3 O7 P'
DCP non-polymer 2'-DEOXYCYTIDINE-5'-TRIPHOSPHATE 'C9 H16 N3 O13 P3'
DG DNA linking 2'-DEOXYGUANOSINE-5'-MONOPHOSPHATE 'C10 H14 N5 O7 P'
DT DNA linking THYMIDINE-5'-MONOPHOSPHATE 'C10 H15 N2 O8 P'
EDO non-polymer 1,2-ETHANEDIOL 'C2 H6 O2'
G RNA linking GUANOSINE-5'-MONOPHOSPHATE 'C10 H14 N5 O8 P'
K non-polymer 'POTASSIUM ION' 'K 1'
MG non-polymer 'MAGNESIUM ION' 'Mg 2'
U RNA linking URIDINE-5'-MONOPHOSPHATE 'C9 H13 N2 O9 P'
ZN non-polymer 'ZINC ION' 'Zn 2'
#
# COMPACT_ATOMS: atom_id res chain seq x y z
N GLU A 3 -3.01 -42.05 16.88
CA GLU A 3 -3.77 -40.78 16.73
C GLU A 3 -4.45 -40.70 15.37
N GLN A 4 -4.18 -39.60 14.67
CA GLN A 4 -4.73 -39.31 13.34
C GLN A 4 -4.38 -37.86 13.00
N VAL A 5 -3.90 -37.62 11.78
CA VAL A 5 -3.51 -36.26 11.42
C VAL A 5 -3.66 -35.92 9.93
N PHE A 6 -3.98 -34.67 9.61
CA PHE A 6 -4.06 -34.29 8.21
C PHE A 6 -3.30 -32.99 7.95
N HIS A 7 -2.82 -32.81 6.71
CA HIS A 7 -2.02 -31.64 6.36
C HIS A 7 -2.87 -30.60 5.64
N PHE A 8 -2.63 -29.34 6.01
CA PHE A 8 -3.43 -28.23 5.51
C PHE A 8 -2.54 -26.98 5.28
N TYR A 9 -2.65 -26.39 4.10
CA TYR A 9 -1.87 -25.18 3.77
C TYR A 9 -2.81 -23.99 3.93
N TRP A 10 -2.63 -23.22 5.00
CA TRP A 10 -3.55 -22.10 5.24
C TRP A 10 -3.21 -20.83 4.45
N LEU A 11 -4.24 -20.08 4.10
CA LEU A 11 -4.09 -18.84 3.34
C LEU A 11 -4.84 -17.67 3.98
N ASP A 12 -6.03 -17.93 4.47
CA ASP A 12 -6.85 -16.90 5.09
C ASP A 12 -7.45 -17.33 6.44
N ALA A 13 -7.75 -16.34 7.27
CA ALA A 13 -8.32 -16.60 8.59
C ALA A 13 -9.46 -15.64 8.86
N TYR A 14 -10.35 -16.03 9.75
CA TYR A 14 -11.49 -15.17 10.05
C TYR A 14 -12.07 -15.52 11.40
N GLU A 15 -12.56 -14.51 12.11
CA GLU A 15 -13.17 -14.75 13.42
C GLU A 15 -14.38 -13.87 13.54
N ASP A 16 -15.35 -14.33 14.33
CA ASP A 16 -16.58 -13.59 14.60
C ASP A 16 -16.70 -13.60 16.12
N GLN A 17 -15.97 -12.69 16.75
CA GLN A 17 -15.92 -12.58 18.20
C GLN A 17 -17.27 -12.41 18.90
N TYR A 18 -18.27 -11.88 18.19
CA TYR A 18 -19.58 -11.65 18.76
C TYR A 18 -20.47 -12.88 18.77
N ASN A 19 -20.56 -13.55 17.63
CA ASN A 19 -21.39 -14.73 17.52
C ASN A 19 -20.70 -16.03 17.90
N GLN A 20 -19.39 -16.09 17.67
CA GLN A 20 -18.64 -17.31 17.98
C GLN A 20 -17.30 -17.06 18.63
N PRO A 21 -17.31 -16.48 19.83
CA PRO A 21 -16.04 -16.21 20.51
C PRO A 21 -15.23 -17.49 20.70
N GLY A 22 -13.92 -17.34 20.75
CA GLY A 22 -13.04 -18.49 20.93
C GLY A 22 -12.87 -19.36 19.71
N VAL A 23 -13.51 -19.00 18.60
CA VAL A 23 -13.42 -19.75 17.37
C VAL A 23 -12.72 -19.01 16.23
N VAL A 24 -11.84 -19.70 15.52
CA VAL A 24 -11.16 -19.11 14.37
C VAL A 24 -11.37 -20.02 13.16
N PHE A 25 -11.76 -19.42 12.04
CA PHE A 25 -11.96 -20.19 10.83
C PHE A 25 -10.74 -20.04 9.92
N LEU A 26 -10.12 -21.16 9.55
CA LEU A 26 -8.98 -21.11 8.65
C LEU A 26 -9.43 -21.59 7.28
N PHE A 27 -8.85 -21.03 6.22
CA PHE A 27 -9.20 -21.43 4.87
C PHE A 27 -7.90 -21.71 4.12
N GLY A 28 -7.88 -22.81 3.36
CA GLY A 28 -6.67 -23.17 2.65
C GLY A 28 -6.80 -24.28 1.64
N LYS A 29 -5.71 -25.03 1.47
CA LYS A 29 -5.65 -26.12 0.50
C LYS A 29 -5.35 -27.51 1.09
N VAL A 30 -5.91 -28.56 0.47
CA VAL A 30 -5.61 -29.93 0.87
C VAL A 30 -5.39 -30.77 -0.36
N TRP A 31 -4.40 -31.64 -0.30
CA TRP A 31 -4.11 -32.52 -1.42
C TRP A 31 -5.07 -33.71 -1.38
N ILE A 32 -5.74 -33.97 -2.50
CA ILE A 32 -6.66 -35.10 -2.61
C ILE A 32 -6.02 -36.05 -3.60
N GLU A 33 -5.38 -37.09 -3.08
CA GLU A 33 -4.69 -38.06 -3.92
C GLU A 33 -5.56 -38.70 -5.01
N SER A 34 -6.77 -39.13 -4.67
CA SER A 34 -7.63 -39.76 -5.66
C SER A 34 -7.91 -38.85 -6.83
N ALA A 35 -7.87 -37.55 -6.62
CA ALA A 35 -8.13 -36.62 -7.71
C ALA A 35 -6.88 -35.93 -8.23
N GLU A 36 -5.73 -36.25 -7.65
CA GLU A 36 -4.44 -35.65 -8.02
C GLU A 36 -4.49 -34.13 -8.17
N THR A 37 -5.15 -33.47 -7.23
CA THR A 37 -5.23 -32.03 -7.27
C THR A 37 -5.46 -31.51 -5.85
N HIS A 38 -5.18 -30.23 -5.62
CA HIS A 38 -5.42 -29.64 -4.32
C HIS A 38 -6.81 -29.05 -4.41
N VAL A 39 -7.57 -29.09 -3.32
CA VAL A 39 -8.90 -28.48 -3.33
C VAL A 39 -8.96 -27.54 -2.11
N SER A 40 -10.05 -26.80 -1.97
CA SER A 40 -10.17 -25.89 -0.83
C SER A 40 -10.60 -26.64 0.43
N CYS A 41 -10.20 -26.14 1.58
CA CYS A 41 -10.56 -26.75 2.84
C CYS A 41 -10.76 -25.69 3.91
N CYS A 42 -11.73 -25.92 4.78
CA CYS A 42 -12.01 -24.99 5.87
C CYS A 42 -11.76 -25.73 7.17
N VAL A 43 -10.92 -25.16 8.02
CA VAL A 43 -10.61 -25.78 9.29
C VAL A 43 -11.07 -24.83 10.40
N MET A 44 -12.08 -25.27 11.15
CA MET A 44 -12.63 -24.49 12.25
C MET A 44 -11.88 -24.84 13.53
N VAL A 45 -11.18 -23.87 14.10
CA VAL A 45 -10.42 -24.10 15.35
C VAL A 45 -11.25 -23.58 16.53
N LYS A 46 -11.50 -24.45 17.50
CA LYS A 46 -12.31 -24.07 18.67
C LYS A 46 -11.56 -24.04 19.98
N ASN A 47 -12.21 -23.46 20.98
CA ASN A 47 -11.67 -23.36 22.33
C ASN A 47 -10.36 -22.61 22.48
N ILE A 48 -10.25 -21.50 21.76
CA ILE A 48 -9.07 -20.67 21.87
C ILE A 48 -9.43 -19.85 23.11
N GLU A 49 -8.63 -20.01 24.15
CA GLU A 49 -8.86 -19.35 25.45
C GLU A 49 -8.20 -18.01 25.68
N ARG A 50 -8.92 -17.13 26.37
CA ARG A 50 -8.40 -15.82 26.74
C ARG A 50 -7.18 -16.15 27.59
N THR A 51 -6.16 -15.30 27.55
CA THR A 51 -4.95 -15.51 28.33
C THR A 51 -4.63 -14.18 29.00
N LEU A 52 -4.75 -14.12 30.32
CA LEU A 52 -4.48 -12.88 31.05
C LEU A 52 -3.27 -13.04 31.96
N TYR A 53 -2.63 -11.93 32.27
CA TYR A 53 -1.47 -11.93 33.16
C TYR A 53 -1.68 -10.94 34.29
N PHE A 54 -1.79 -11.45 35.52
CA PHE A 54 -2.01 -10.62 36.70
C PHE A 54 -0.71 -10.24 37.37
N LEU A 55 -0.43 -8.94 37.42
CA LEU A 55 0.79 -8.45 38.05
C LEU A 55 0.55 -8.31 39.55
N PRO A 56 1.33 -9.03 40.38
CA PRO A 56 1.19 -8.98 41.83
C PRO A 56 1.78 -7.72 42.48
N ARG A 57 1.08 -7.20 43.49
CA ARG A 57 1.55 -6.03 44.23
C ARG A 57 2.71 -6.46 45.09
N GLU A 58 3.51 -5.50 45.54
CA GLU A 58 4.65 -5.80 46.39
C GLU A 58 4.08 -6.18 47.76
N MET A 59 3.19 -5.33 48.27
CA MET A 59 2.57 -5.55 49.58
C MET A 59 1.05 -5.55 49.40
N LYS A 60 0.36 -6.43 50.12
CA LYS A 60 -1.10 -6.52 50.03
C LYS A 60 -1.80 -5.20 50.38
N ILE A 61 -2.97 -4.99 49.80
CA ILE A 61 -3.78 -3.78 50.04
C ILE A 61 -5.22 -4.16 50.38
N ASP A 62 -5.87 -3.31 51.16
CA ASP A 62 -7.26 -3.51 51.54
C ASP A 62 -8.07 -2.57 50.66
N LEU A 63 -9.05 -3.09 49.95
CA LEU A 63 -9.83 -2.27 49.04
C LEU A 63 -10.93 -1.43 49.69
N ASN A 64 -11.26 -1.70 50.94
CA ASN A 64 -12.30 -0.91 51.60
C ASN A 64 -11.73 0.33 52.28
N THR A 65 -10.45 0.26 52.64
CA THR A 65 -9.78 1.38 53.29
C THR A 65 -8.79 2.02 52.32
N GLY A 66 -8.14 1.18 51.52
CA GLY A 66 -7.17 1.66 50.55
C GLY A 66 -5.79 1.84 51.16
N LYS A 67 -5.49 1.04 52.18
CA LYS A 67 -4.19 1.12 52.84
C LYS A 67 -3.55 -0.26 52.82
N GLU A 68 -2.21 -0.31 52.90
CA GLU A 68 -1.52 -1.59 52.91
C GLU A 68 -1.86 -2.38 54.16
N THR A 69 -1.32 -3.58 54.29
CA THR A 69 -1.61 -4.39 55.47
C THR A 69 -0.35 -4.87 56.17
N GLY A 70 0.77 -4.91 55.44
CA GLY A 70 2.00 -5.36 56.04
C GLY A 70 2.37 -6.74 55.57
N THR A 71 1.38 -7.48 55.06
CA THR A 71 1.62 -8.82 54.55
C THR A 71 2.02 -8.73 53.08
N PRO A 72 3.20 -9.26 52.72
CA PRO A 72 3.67 -9.24 51.34
C PRO A 72 2.75 -10.06 50.45
N ILE A 73 3.23 -10.38 49.25
CA ILE A 73 2.44 -11.16 48.32
C ILE A 73 3.20 -12.36 47.77
N SER A 74 2.45 -13.38 47.37
CA SER A 74 3.00 -14.59 46.79
C SER A 74 1.98 -15.02 45.73
N MET A 75 2.41 -15.83 44.77
CA MET A 75 1.49 -16.28 43.74
C MET A 75 0.27 -16.97 44.33
N LYS A 76 0.45 -17.63 45.47
CA LYS A 76 -0.67 -18.29 46.12
C LYS A 76 -1.70 -17.24 46.47
N ASP A 77 -1.21 -16.09 46.92
CA ASP A 77 -2.08 -14.97 47.29
C ASP A 77 -2.90 -14.53 46.08
N VAL A 78 -2.23 -14.28 44.97
CA VAL A 78 -2.90 -13.85 43.75
C VAL A 78 -3.89 -14.91 43.28
N TYR A 79 -3.42 -16.16 43.20
CA TYR A 79 -4.28 -17.25 42.78
C TYR A 79 -5.57 -17.28 43.58
N GLU A 80 -5.43 -17.29 44.90
CA GLU A 80 -6.60 -17.34 45.79
C GLU A 80 -7.55 -16.17 45.61
N GLU A 81 -7.01 -14.97 45.43
CA GLU A 81 -7.87 -13.82 45.25
C GLU A 81 -8.69 -13.94 43.98
N PHE A 82 -8.06 -14.41 42.90
CA PHE A 82 -8.77 -14.56 41.64
C PHE A 82 -9.84 -15.62 41.80
N ASP A 83 -9.44 -16.74 42.41
CA ASP A 83 -10.35 -17.87 42.60
C ASP A 83 -11.53 -17.54 43.51
N GLU A 84 -11.27 -16.78 44.57
CA GLU A 84 -12.31 -16.44 45.52
C GLU A 84 -13.15 -15.19 45.24
N LYS A 85 -12.50 -14.07 44.93
CA LYS A 85 -13.26 -12.84 44.69
C LYS A 85 -13.49 -12.49 43.23
N ILE A 86 -12.44 -12.52 42.42
CA ILE A 86 -12.55 -12.16 41.00
C ILE A 86 -13.41 -13.13 40.18
N ALA A 87 -13.03 -14.40 40.14
CA ALA A 87 -13.78 -15.40 39.39
C ALA A 87 -15.26 -15.39 39.79
N THR A 88 -15.51 -15.44 41.09
CA THR A 88 -16.87 -15.45 41.64
C THR A 88 -17.65 -14.17 41.33
N LYS A 89 -17.01 -13.03 41.55
CA LYS A 89 -17.66 -11.76 41.31
C LYS A 89 -17.98 -11.50 39.84
N TYR A 90 -17.11 -11.95 38.95
CA TYR A 90 -17.32 -11.70 37.53
C TYR A 90 -17.99 -12.81 36.73
N LYS A 91 -18.34 -13.91 37.40
CA LYS A 91 -19.03 -15.03 36.78
C LYS A 91 -18.14 -15.91 35.91
N ILE A 92 -17.02 -16.38 36.47
CA ILE A 92 -16.12 -17.25 35.75
C ILE A 92 -16.11 -18.63 36.40
N MET A 93 -16.95 -19.52 35.87
CA MET A 93 -17.11 -20.88 36.40
C MET A 93 -15.82 -21.71 36.42
N LYS A 94 -15.09 -21.75 35.31
CA LYS A 94 -13.87 -22.53 35.25
C LYS A 94 -12.70 -21.70 34.75
N PHE A 95 -11.49 -22.15 35.05
CA PHE A 95 -10.28 -21.47 34.63
C PHE A 95 -9.09 -22.33 35.01
N LYS A 96 -7.92 -21.97 34.49
CA LYS A 96 -6.68 -22.68 34.80
C LYS A 96 -5.67 -21.56 34.99
N SER A 97 -4.64 -21.79 35.79
CA SER A 97 -3.67 -20.74 36.04
C SER A 97 -2.30 -21.30 36.33
N LYS A 98 -1.30 -20.42 36.30
CA LYS A 98 0.07 -20.84 36.54
C LYS A 98 0.98 -19.62 36.63
N PRO A 99 1.98 -19.68 37.51
CA PRO A 99 2.90 -18.57 37.64
C PRO A 99 3.90 -18.60 36.49
N VAL A 100 4.27 -17.44 35.98
CA VAL A 100 5.23 -17.34 34.88
C VAL A 100 6.07 -16.10 35.07
N GLU A 101 7.20 -16.03 34.37
CA GLU A 101 8.07 -14.88 34.46
C GLU A 101 8.09 -14.21 33.09
N LYS A 102 7.58 -12.99 33.02
CA LYS A 102 7.52 -12.24 31.77
C LYS A 102 8.31 -10.93 31.85
N ASN A 103 8.74 -10.45 30.70
CA ASN A 103 9.47 -9.19 30.64
C ASN A 103 8.49 -8.13 30.13
N TYR A 104 8.78 -6.86 30.42
CA TYR A 104 7.93 -5.75 29.99
C TYR A 104 8.82 -4.57 29.65
N ALA A 105 8.42 -3.79 28.65
CA ALA A 105 9.22 -2.64 28.25
C ALA A 105 8.39 -1.58 27.55
N PHE A 106 7.14 -1.44 27.97
CA PHE A 106 6.28 -0.47 27.30
C PHE A 106 5.79 0.71 28.14
N GLU A 107 4.75 1.38 27.67
CA GLU A 107 4.26 2.60 28.31
C GLU A 107 3.43 2.64 29.59
N ILE A 108 3.26 1.51 30.27
CA ILE A 108 2.49 1.55 31.51
C ILE A 108 3.47 1.68 32.67
N PRO A 109 3.41 2.82 33.39
CA PRO A 109 4.29 3.05 34.53
C PRO A 109 3.97 2.10 35.67
N ASP A 110 4.94 1.83 36.52
CA ASP A 110 4.74 0.96 37.67
C ASP A 110 4.61 -0.50 37.27
N VAL A 111 5.31 -0.87 36.21
CA VAL A 111 5.35 -2.24 35.73
C VAL A 111 6.84 -2.53 35.54
N PRO A 112 7.38 -3.47 36.33
CA PRO A 112 8.79 -3.84 36.27
C PRO A 112 9.27 -4.58 35.01
N GLU A 113 10.50 -4.28 34.61
CA GLU A 113 11.13 -4.87 33.45
C GLU A 113 10.93 -6.39 33.45
N LYS A 114 11.18 -7.02 34.58
CA LYS A 114 11.01 -8.45 34.72
C LYS A 114 10.21 -8.68 35.98
N SER A 115 9.26 -9.60 35.91
CA SER A 115 8.44 -9.91 37.06
C SER A 115 7.70 -11.21 36.90
N GLU A 116 7.22 -11.74 38.01
CA GLU A 116 6.47 -12.97 37.94
C GLU A 116 5.01 -12.59 37.83
N TYR A 117 4.25 -13.34 37.03
CA TYR A 117 2.83 -13.06 36.83
C TYR A 117 2.03 -14.33 37.02
N LEU A 118 0.73 -14.18 37.25
CA LEU A 118 -0.14 -15.33 37.36
C LEU A 118 -0.88 -15.38 36.04
N GLU A 119 -0.52 -16.32 35.19
CA GLU A 119 -1.19 -16.46 33.91
C GLU A 119 -2.50 -17.20 34.13
N VAL A 120 -3.59 -16.57 33.72
CA VAL A 120 -4.90 -17.18 33.86
C VAL A 120 -5.50 -17.38 32.48
N LYS A 121 -6.18 -18.50 32.28
CA LYS A 121 -6.83 -18.80 31.00
C LYS A 121 -8.21 -19.36 31.20
N TYR A 122 -9.16 -18.88 30.41
CA TYR A 122 -10.53 -19.37 30.52
C TYR A 122 -11.30 -19.13 29.22
N SER A 123 -12.40 -19.84 29.05
CA SER A 123 -13.23 -19.73 27.85
C SER A 123 -13.52 -18.31 27.38
N ALA A 124 -13.39 -18.09 26.08
CA ALA A 124 -13.68 -16.78 25.53
C ALA A 124 -15.19 -16.59 25.59
N GLU A 125 -15.91 -17.66 25.93
CA GLU A 125 -17.37 -17.60 26.03
C GLU A 125 -17.79 -16.99 27.37
N MET A 126 -16.88 -17.01 28.34
CA MET A 126 -17.14 -16.46 29.65
C MET A 126 -16.81 -14.97 29.65
N PRO A 127 -17.40 -14.21 30.59
CA PRO A 127 -17.20 -12.77 30.71
C PRO A 127 -15.78 -12.22 30.60
N GLN A 128 -15.69 -11.08 29.95
CA GLN A 128 -14.43 -10.37 29.76
C GLN A 128 -14.24 -9.42 30.94
N LEU A 129 -13.09 -9.50 31.61
CA LEU A 129 -12.78 -8.64 32.74
C LEU A 129 -12.41 -7.22 32.30
N PRO A 130 -12.66 -6.22 33.17
CA PRO A 130 -12.34 -4.82 32.87
C PRO A 130 -10.83 -4.68 32.63
N GLN A 131 -10.44 -3.81 31.71
CA GLN A 131 -9.02 -3.63 31.43
C GLN A 131 -8.27 -2.95 32.58
N ASP A 132 -8.95 -2.05 33.29
CA ASP A 132 -8.33 -1.33 34.39
C ASP A 132 -8.54 -2.01 35.73
N LEU A 133 -8.87 -3.30 35.68
CA LEU A 133 -9.12 -4.08 36.87
C LEU A 133 -7.88 -4.15 37.76
N LYS A 134 -8.12 -4.08 39.07
CA LYS A 134 -7.05 -4.15 40.08
C LYS A 134 -7.59 -4.91 41.29
N GLY A 135 -6.71 -5.39 42.15
CA GLY A 135 -7.17 -6.14 43.30
C GLY A 135 -6.39 -5.89 44.57
N GLU A 136 -6.58 -6.78 45.53
CA GLU A 136 -5.90 -6.67 46.81
C GLU A 136 -4.46 -7.13 46.62
N THR A 137 -4.26 -8.13 45.77
CA THR A 137 -2.93 -8.68 45.56
C THR A 137 -2.26 -8.34 44.23
N PHE A 138 -3.02 -7.76 43.31
CA PHE A 138 -2.45 -7.41 42.01
C PHE A 138 -2.77 -5.96 41.63
N SER A 139 -1.78 -5.29 41.04
CA SER A 139 -1.93 -3.89 40.64
C SER A 139 -2.41 -3.71 39.21
N HIS A 140 -2.13 -4.68 38.34
CA HIS A 140 -2.54 -4.57 36.93
C HIS A 140 -2.77 -5.92 36.24
N VAL A 141 -3.63 -5.93 35.23
CA VAL A 141 -3.89 -7.14 34.47
C VAL A 141 -3.80 -6.92 32.95
N PHE A 142 -2.97 -7.71 32.29
CA PHE A 142 -2.76 -7.64 30.84
C PHE A 142 -3.50 -8.72 30.04
N GLY A 143 -3.87 -8.38 28.81
CA GLY A 143 -4.52 -9.33 27.92
C GLY A 143 -6.01 -9.59 28.06
N THR A 144 -6.70 -8.77 28.85
CA THR A 144 -8.13 -8.97 29.04
C THR A 144 -8.93 -8.88 27.74
N ASN A 145 -8.44 -8.09 26.78
CA ASN A 145 -9.19 -7.92 25.54
C ASN A 145 -8.56 -8.54 24.27
N THR A 146 -7.59 -9.43 24.41
CA THR A 146 -6.96 -10.02 23.23
C THR A 146 -7.93 -10.89 22.44
N SER A 147 -8.00 -10.67 21.12
CA SER A 147 -8.89 -11.43 20.24
C SER A 147 -8.37 -12.85 20.03
N SER A 148 -9.26 -13.78 19.70
CA SER A 148 -8.86 -15.16 19.48
C SER A 148 -7.86 -15.32 18.34
N LEU A 149 -8.06 -14.57 17.26
CA LEU A 149 -7.18 -14.65 16.11
C LEU A 149 -5.77 -14.25 16.49
N GLU A 150 -5.63 -13.21 17.29
CA GLU A 150 -4.29 -12.79 17.67
C GLU A 150 -3.66 -13.85 18.54
N LEU A 151 -4.42 -14.32 19.53
CA LEU A 151 -3.93 -15.35 20.45
C LEU A 151 -3.47 -16.60 19.65
N PHE A 152 -4.31 -17.03 18.71
CA PHE A 152 -3.98 -18.20 17.89
C PHE A 152 -2.67 -18.02 17.11
N LEU A 153 -2.62 -16.99 16.26
CA LEU A 153 -1.42 -16.76 15.46
C LEU A 153 -0.17 -16.62 16.31
N MET A 154 -0.26 -15.87 17.42
CA MET A 154 0.91 -15.67 18.27
C MET A 154 1.31 -16.94 19.01
N ASN A 155 0.33 -17.62 19.62
CA ASN A 155 0.65 -18.85 20.36
C ASN A 155 1.16 -19.98 19.48
N ARG A 156 0.51 -20.21 18.34
CA ARG A 156 0.97 -21.28 17.44
C ARG A 156 2.18 -20.86 16.61
N LYS A 157 2.57 -19.58 16.68
CA LYS A 157 3.72 -19.08 15.92
C LYS A 157 3.54 -19.22 14.40
N ILE A 158 2.37 -18.83 13.93
CA ILE A 158 2.02 -18.86 12.54
C ILE A 158 2.43 -17.49 11.94
N LYS A 159 3.27 -17.53 10.91
CA LYS A 159 3.73 -16.32 10.27
C LYS A 159 3.42 -16.32 8.78
N GLY A 160 2.16 -16.06 8.46
CA GLY A 160 1.74 -16.03 7.07
C GLY A 160 1.44 -17.42 6.52
N PRO A 161 0.97 -17.52 5.27
CA PRO A 161 0.65 -18.80 4.64
C PRO A 161 1.75 -19.84 4.85
N CYS A 162 1.34 -21.05 5.23
CA CYS A 162 2.30 -22.13 5.48
C CYS A 162 1.53 -23.44 5.67
N TRP A 163 2.28 -24.54 5.75
CA TRP A 163 1.67 -25.84 5.96
C TRP A 163 1.42 -26.03 7.46
N LEU A 164 0.29 -26.68 7.77
CA LEU A 164 -0.07 -26.99 9.15
C LEU A 164 -0.49 -28.45 9.27
N GLU A 165 -0.24 -29.05 10.42
CA GLU A 165 -0.68 -30.41 10.70
C GLU A 165 -1.79 -30.25 11.74
N VAL A 166 -2.95 -30.83 11.47
CA VAL A 166 -4.05 -30.74 12.43
C VAL A 166 -4.28 -32.14 13.03
N LYS A 167 -3.89 -32.30 14.30
CA LYS A 167 -4.06 -33.58 14.98
C LYS A 167 -5.47 -33.82 15.47
N SER A 168 -5.90 -35.07 15.35
CA SER A 168 -7.22 -35.47 15.79
C SER A 168 -8.36 -34.62 15.24
N PRO A 169 -8.49 -34.55 13.90
CA PRO A 169 -9.58 -33.75 13.30
C PRO A 169 -10.95 -34.35 13.57
N GLN A 170 -11.95 -33.48 13.65
CA GLN A 170 -13.32 -33.89 13.91
C GLN A 170 -14.19 -33.53 12.73
N LEU A 171 -15.34 -34.20 12.62
CA LEU A 171 -16.28 -33.94 11.54
C LEU A 171 -17.26 -32.90 12.04
N LEU A 172 -17.96 -32.26 11.13
CA LEU A 172 -18.96 -31.28 11.53
C LEU A 172 -20.34 -31.81 11.25
N ASN A 173 -21.26 -31.59 12.20
CA ASN A 173 -22.63 -32.04 12.05
C ASN A 173 -23.16 -31.49 10.75
N GLN A 174 -22.84 -30.23 10.49
CA GLN A 174 -23.27 -29.55 9.29
C GLN A 174 -22.13 -28.72 8.69
N PRO A 175 -22.08 -28.63 7.36
CA PRO A 175 -21.04 -27.86 6.67
C PRO A 175 -21.16 -26.40 7.03
N VAL A 176 -20.04 -25.73 7.28
CA VAL A 176 -20.03 -24.31 7.61
C VAL A 176 -19.45 -23.47 6.48
N SER A 177 -18.90 -24.12 5.45
CA SER A 177 -18.29 -23.40 4.34
C SER A 177 -18.69 -23.89 2.95
N TRP A 178 -18.15 -23.24 1.94
CA TRP A 178 -18.41 -23.60 0.55
C TRP A 178 -17.19 -24.32 0.01
N CYS A 179 -16.29 -24.72 0.90
CA CYS A 179 -15.07 -25.43 0.51
C CYS A 179 -15.38 -26.89 0.21
N LYS A 180 -14.45 -27.58 -0.45
CA LYS A 180 -14.62 -28.98 -0.80
C LYS A 180 -14.52 -29.87 0.42
N ALA A 181 -13.56 -29.55 1.28
CA ALA A 181 -13.32 -30.29 2.51
C ALA A 181 -13.46 -29.41 3.75
N GLU A 182 -13.68 -30.04 4.89
CA GLU A 182 -13.82 -29.34 6.16
C GLU A 182 -13.31 -30.24 7.26
N ALA A 183 -12.97 -29.63 8.39
CA ALA A 183 -12.50 -30.38 9.54
C ALA A 183 -12.58 -29.42 10.70
N MET A 184 -12.54 -29.97 11.91
CA MET A 184 -12.62 -29.14 13.09
C MET A 184 -11.60 -29.55 14.12
N ALA A 185 -10.94 -28.56 14.72
CA ALA A 185 -9.94 -28.83 15.76
C ALA A 185 -10.59 -28.40 17.08
N LEU A 186 -10.56 -29.26 18.08
CA LEU A 186 -11.18 -28.94 19.37
C LEU A 186 -10.37 -28.01 20.23
N LYS A 187 -9.09 -27.84 19.91
CA LYS A 187 -8.26 -26.92 20.67
C LYS A 187 -7.06 -26.51 19.84
N PRO A 188 -6.60 -25.26 20.01
CA PRO A 188 -5.46 -24.71 19.27
C PRO A 188 -4.16 -25.50 19.29
N ASP A 189 -3.90 -26.23 20.37
CA ASP A 189 -2.65 -26.98 20.46
C ASP A 189 -2.62 -28.22 19.56
N LEU A 190 -3.71 -28.47 18.85
CA LEU A 190 -3.77 -29.60 17.93
C LEU A 190 -3.27 -29.15 16.55
N VAL A 191 -2.97 -27.86 16.42
CA VAL A 191 -2.48 -27.29 15.15
C VAL A 191 -1.01 -26.90 15.25
N ASN A 192 -0.19 -27.42 14.34
CA ASN A 192 1.23 -27.12 14.36
C ASN A 192 1.82 -26.79 13.00
N VAL A 193 2.71 -25.81 13.00
CA VAL A 193 3.38 -25.38 11.79
C VAL A 193 4.45 -26.41 11.42
N ILE A 194 4.56 -26.74 10.13
CA ILE A 194 5.63 -27.64 9.69
C ILE A 194 6.27 -26.88 8.55
N LYS A 195 7.59 -27.01 8.41
CA LYS A 195 8.32 -26.27 7.39
C LYS A 195 9.03 -27.10 6.33
N ASP A 196 8.74 -28.40 6.24
CA ASP A 196 9.41 -29.23 5.23
C ASP A 196 8.52 -29.86 4.15
N VAL A 197 7.62 -29.05 3.59
CA VAL A 197 6.72 -29.47 2.51
C VAL A 197 6.61 -28.26 1.60
N SER A 198 6.81 -28.46 0.29
CA SER A 198 6.76 -27.35 -0.62
C SER A 198 5.34 -26.79 -0.74
N PRO A 199 5.19 -25.47 -0.93
CA PRO A 199 3.88 -24.84 -1.05
C PRO A 199 3.10 -25.28 -2.28
N PRO A 200 1.78 -25.33 -2.17
CA PRO A 200 0.92 -25.73 -3.27
C PRO A 200 0.60 -24.54 -4.14
N PRO A 201 0.32 -24.77 -5.43
CA PRO A 201 -0.02 -23.70 -6.37
C PRO A 201 -1.46 -23.26 -6.06
N LEU A 202 -1.85 -22.06 -6.47
CA LEU A 202 -3.21 -21.61 -6.15
C LEU A 202 -4.11 -21.41 -7.35
N VAL A 203 -5.38 -21.19 -7.08
CA VAL A 203 -6.35 -20.95 -8.13
C VAL A 203 -6.56 -19.43 -8.11
N VAL A 204 -6.26 -18.80 -9.23
CA VAL A 204 -6.38 -17.36 -9.35
C VAL A 204 -7.43 -17.01 -10.40
N MET A 205 -8.33 -16.10 -10.02
CA MET A 205 -9.39 -15.65 -10.92
C MET A 205 -9.38 -14.13 -11.08
N ALA A 206 -9.27 -13.68 -12.32
CA ALA A 206 -9.27 -12.26 -12.64
C ALA A 206 -10.59 -11.92 -13.34
N PHE A 207 -11.26 -10.86 -12.90
CA PHE A 207 -12.53 -10.49 -13.54
C PHE A 207 -12.77 -9.00 -13.69
N SER A 208 -13.69 -8.67 -14.59
CA SER A 208 -14.08 -7.30 -14.83
C SER A 208 -15.57 -7.32 -15.19
N MET A 209 -16.24 -6.20 -14.97
CA MET A 209 -17.65 -6.09 -15.27
C MET A 209 -17.98 -4.74 -15.91
N LYS A 210 -19.16 -4.65 -16.50
CA LYS A 210 -19.64 -3.42 -17.11
C LYS A 210 -21.03 -3.15 -16.55
N THR A 211 -21.33 -1.88 -16.32
CA THR A 211 -22.66 -1.53 -15.81
C THR A 211 -23.30 -0.55 -16.78
N MET A 212 -24.58 -0.30 -16.59
CA MET A 212 -25.31 0.59 -17.45
C MET A 212 -26.43 1.27 -16.68
N GLN A 213 -26.45 2.59 -16.71
CA GLN A 213 -27.47 3.37 -16.03
C GLN A 213 -28.77 3.05 -16.75
N ASN A 214 -29.82 2.73 -16.01
CA ASN A 214 -31.09 2.39 -16.66
C ASN A 214 -31.87 3.62 -17.12
N ALA A 215 -32.59 3.45 -18.23
CA ALA A 215 -33.39 4.49 -18.84
C ALA A 215 -34.15 5.36 -17.83
N LYS A 216 -35.15 4.76 -17.19
CA LYS A 216 -35.97 5.49 -16.23
C LYS A 216 -35.37 5.52 -14.82
N ASN A 217 -35.72 4.51 -14.02
CA ASN A 217 -35.23 4.41 -12.65
C ASN A 217 -33.72 4.61 -12.58
N HIS A 218 -33.25 5.10 -11.44
CA HIS A 218 -31.82 5.34 -11.26
C HIS A 218 -31.17 4.05 -10.74
N GLN A 219 -30.53 3.31 -11.65
CA GLN A 219 -29.88 2.07 -11.25
C GLN A 219 -28.74 1.68 -12.15
N ASN A 220 -27.65 1.24 -11.53
CA ASN A 220 -26.49 0.79 -12.26
C ASN A 220 -26.62 -0.72 -12.42
N GLU A 221 -27.10 -1.15 -13.59
CA GLU A 221 -27.30 -2.57 -13.86
C GLU A 221 -26.08 -3.23 -14.50
N ILE A 222 -25.68 -4.37 -13.95
CA ILE A 222 -24.53 -5.09 -14.47
C ILE A 222 -25.00 -5.83 -15.71
N ILE A 223 -24.32 -5.62 -16.84
CA ILE A 223 -24.71 -6.24 -18.09
C ILE A 223 -23.65 -7.11 -18.75
N ALA A 224 -22.47 -7.19 -18.14
CA ALA A 224 -21.40 -8.00 -18.69
C ALA A 224 -20.32 -8.26 -17.67
N MET A 225 -19.79 -9.49 -17.70
CA MET A 225 -18.73 -9.89 -16.80
C MET A 225 -17.80 -10.82 -17.56
N ALA A 226 -16.52 -10.72 -17.28
CA ALA A 226 -15.52 -11.56 -17.93
C ALA A 226 -14.61 -12.04 -16.83
N ALA A 227 -14.01 -13.20 -17.02
CA ALA A 227 -13.14 -13.75 -16.00
C ALA A 227 -12.15 -14.73 -16.60
N LEU A 228 -10.90 -14.63 -16.17
CA LEU A 228 -9.83 -15.51 -16.61
C LEU A 228 -9.42 -16.32 -15.36
N VAL A 229 -9.02 -17.57 -15.56
CA VAL A 229 -8.67 -18.41 -14.43
C VAL A 229 -7.40 -19.24 -14.63
N HIS A 230 -6.64 -19.41 -13.56
CA HIS A 230 -5.49 -20.28 -13.62
C HIS A 230 -5.62 -21.18 -12.40
N HIS A 231 -5.54 -22.48 -12.60
CA HIS A 231 -5.72 -23.41 -11.48
C HIS A 231 -4.45 -23.84 -10.78
N SER A 232 -3.29 -23.43 -11.30
CA SER A 232 -2.02 -23.80 -10.71
C SER A 232 -1.06 -22.63 -10.74
N PHE A 233 -1.45 -21.54 -10.10
CA PHE A 233 -0.64 -20.34 -10.08
C PHE A 233 0.27 -20.41 -8.86
N ALA A 234 1.56 -20.68 -9.10
CA ALA A 234 2.53 -20.78 -8.00
C ALA A 234 3.04 -19.40 -7.60
N LEU A 235 3.16 -19.17 -6.30
CA LEU A 235 3.63 -17.90 -5.77
C LEU A 235 5.13 -17.88 -5.47
N ASP A 236 5.78 -19.03 -5.55
CA ASP A 236 7.21 -19.09 -5.29
C ASP A 236 8.02 -19.18 -6.58
N LYS A 237 7.44 -18.68 -7.66
CA LYS A 237 8.13 -18.64 -8.94
C LYS A 237 7.46 -17.70 -9.93
N ALA A 238 8.13 -17.47 -11.05
CA ALA A 238 7.62 -16.57 -12.07
C ALA A 238 6.18 -16.92 -12.42
N ALA A 239 5.38 -15.91 -12.73
CA ALA A 239 4.00 -16.12 -13.12
C ALA A 239 3.97 -17.06 -14.32
N PRO A 240 2.90 -17.87 -14.45
CA PRO A 240 2.78 -18.81 -15.56
C PRO A 240 2.55 -18.07 -16.87
N LYS A 241 3.03 -18.63 -17.97
CA LYS A 241 2.84 -18.00 -19.28
C LYS A 241 2.17 -19.00 -20.21
N PRO A 242 0.94 -18.72 -20.65
CA PRO A 242 0.14 -17.52 -20.32
C PRO A 242 -0.37 -17.58 -18.87
N PRO A 243 -0.78 -16.42 -18.30
CA PRO A 243 -1.28 -16.23 -16.93
C PRO A 243 -2.63 -16.89 -16.62
N PHE A 244 -3.29 -17.46 -17.62
CA PHE A 244 -4.58 -18.11 -17.38
C PHE A 244 -4.73 -19.30 -18.30
N GLN A 245 -5.55 -20.26 -17.88
CA GLN A 245 -5.79 -21.49 -18.63
C GLN A 245 -7.19 -21.54 -19.21
N SER A 246 -8.11 -20.80 -18.62
CA SER A 246 -9.50 -20.80 -19.10
C SER A 246 -10.15 -19.47 -18.79
N HIS A 247 -11.42 -19.35 -19.14
CA HIS A 247 -12.13 -18.09 -18.92
C HIS A 247 -13.58 -18.26 -19.32
N PHE A 248 -14.38 -17.25 -19.04
CA PHE A 248 -15.79 -17.27 -19.40
C PHE A 248 -16.34 -15.85 -19.40
N CYS A 249 -17.43 -15.66 -20.12
CA CYS A 249 -18.08 -14.35 -20.22
C CYS A 249 -19.57 -14.56 -20.03
N VAL A 250 -20.26 -13.49 -19.65
CA VAL A 250 -21.69 -13.57 -19.50
C VAL A 250 -22.22 -12.18 -19.84
N VAL A 251 -23.27 -12.12 -20.65
CA VAL A 251 -23.89 -10.87 -21.06
C VAL A 251 -25.39 -10.92 -20.79
N SER A 252 -25.96 -9.79 -20.38
CA SER A 252 -27.38 -9.71 -20.07
C SER A 252 -28.00 -8.45 -20.64
N LYS A 253 -29.32 -8.45 -20.82
CA LYS A 253 -29.99 -7.26 -21.34
C LYS A 253 -30.64 -6.49 -20.19
N PRO A 254 -30.58 -5.15 -20.24
CA PRO A 254 -31.15 -4.28 -19.20
C PRO A 254 -32.56 -4.60 -18.74
N LYS A 255 -33.51 -4.66 -19.68
CA LYS A 255 -34.90 -4.95 -19.38
C LYS A 255 -35.76 -4.76 -20.64
N ASP A 256 -35.82 -3.51 -21.09
CA ASP A 256 -36.60 -3.15 -22.25
C ASP A 256 -35.88 -3.49 -23.55
N CYS A 257 -34.56 -3.57 -23.50
CA CYS A 257 -33.80 -3.90 -24.69
C CYS A 257 -34.02 -5.35 -25.09
N ILE A 258 -33.54 -5.69 -26.28
CA ILE A 258 -33.64 -7.05 -26.80
C ILE A 258 -32.28 -7.26 -27.48
N PHE A 259 -31.72 -8.46 -27.34
CA PHE A 259 -30.44 -8.72 -27.96
C PHE A 259 -30.58 -8.69 -29.47
N PRO A 260 -29.50 -8.33 -30.18
CA PRO A 260 -29.58 -8.30 -31.64
C PRO A 260 -29.90 -9.73 -32.03
N TYR A 261 -30.61 -9.94 -33.13
CA TYR A 261 -30.92 -11.32 -33.48
C TYR A 261 -29.88 -12.01 -34.34
N ALA A 262 -29.74 -13.30 -34.10
CA ALA A 262 -28.77 -14.19 -34.73
C ALA A 262 -27.61 -14.21 -33.74
N PHE A 263 -27.69 -13.30 -32.76
CA PHE A 263 -26.70 -13.16 -31.70
C PHE A 263 -26.26 -14.52 -31.19
N LYS A 264 -27.23 -15.33 -30.79
CA LYS A 264 -26.96 -16.68 -30.30
C LYS A 264 -26.10 -17.40 -31.34
N GLU A 265 -26.60 -17.43 -32.57
CA GLU A 265 -25.91 -18.06 -33.68
C GLU A 265 -24.55 -17.41 -33.90
N VAL A 266 -24.52 -16.08 -33.85
CA VAL A 266 -23.29 -15.31 -34.03
C VAL A 266 -22.25 -15.82 -33.04
N ILE A 267 -22.73 -16.16 -31.84
CA ILE A 267 -21.87 -16.66 -30.77
C ILE A 267 -21.41 -18.09 -31.09
N GLU A 268 -22.34 -18.93 -31.53
CA GLU A 268 -22.02 -20.31 -31.89
C GLU A 268 -21.08 -20.28 -33.09
N LYS A 269 -21.33 -19.32 -33.97
CA LYS A 269 -20.50 -19.15 -35.17
C LYS A 269 -19.05 -18.93 -34.79
N LYS A 270 -18.78 -17.79 -34.16
CA LYS A 270 -17.43 -17.43 -33.77
C LYS A 270 -16.88 -18.28 -32.61
N ASN A 271 -17.76 -19.07 -31.99
CA ASN A 271 -17.38 -19.95 -30.89
C ASN A 271 -16.72 -19.30 -29.68
N VAL A 272 -17.45 -18.44 -28.98
CA VAL A 272 -16.90 -17.80 -27.80
C VAL A 272 -17.62 -18.36 -26.57
N LYS A 273 -16.84 -18.68 -25.53
CA LYS A 273 -17.44 -19.21 -24.30
C LYS A 273 -18.25 -18.16 -23.57
N VAL A 274 -19.23 -17.59 -24.27
CA VAL A 274 -20.10 -16.57 -23.70
C VAL A 274 -21.51 -17.07 -23.37
N GLU A 275 -21.92 -16.87 -22.12
CA GLU A 275 -23.24 -17.28 -21.66
C GLU A 275 -24.17 -16.06 -21.73
N VAL A 276 -25.20 -16.14 -22.57
CA VAL A 276 -26.13 -15.04 -22.71
C VAL A 276 -27.32 -15.16 -21.76
N ALA A 277 -27.24 -14.44 -20.64
CA ALA A 277 -28.30 -14.45 -19.62
C ALA A 277 -29.44 -13.56 -20.06
N ALA A 278 -30.64 -13.90 -19.61
CA ALA A 278 -31.85 -13.18 -19.98
C ALA A 278 -32.16 -12.03 -19.05
N THR A 279 -31.76 -12.14 -17.79
CA THR A 279 -32.03 -11.09 -16.82
C THR A 279 -30.79 -10.90 -15.96
N GLU A 280 -30.66 -9.72 -15.36
CA GLU A 280 -29.51 -9.43 -14.51
C GLU A 280 -29.43 -10.49 -13.41
N ARG A 281 -30.57 -10.85 -12.85
CA ARG A 281 -30.60 -11.86 -11.79
C ARG A 281 -29.97 -13.17 -12.22
N THR A 282 -30.17 -13.52 -13.49
CA THR A 282 -29.60 -14.75 -14.02
C THR A 282 -28.09 -14.57 -14.15
N LEU A 283 -27.69 -13.43 -14.68
CA LEU A 283 -26.27 -13.12 -14.86
C LEU A 283 -25.55 -13.24 -13.54
N LEU A 284 -26.16 -12.69 -12.49
CA LEU A 284 -25.55 -12.72 -11.17
C LEU A 284 -25.52 -14.14 -10.61
N GLY A 285 -26.63 -14.86 -10.75
CA GLY A 285 -26.68 -16.21 -10.24
C GLY A 285 -25.63 -17.07 -10.91
N PHE A 286 -25.42 -16.82 -12.20
CA PHE A 286 -24.45 -17.57 -13.00
C PHE A 286 -23.01 -17.27 -12.57
N PHE A 287 -22.71 -16.00 -12.33
CA PHE A 287 -21.38 -15.58 -11.92
C PHE A 287 -21.02 -16.24 -10.59
N LEU A 288 -21.96 -16.21 -9.65
CA LEU A 288 -21.73 -16.81 -8.33
C LEU A 288 -21.52 -18.32 -8.45
N ALA A 289 -22.31 -18.96 -9.32
CA ALA A 289 -22.18 -20.40 -9.50
C ALA A 289 -20.76 -20.67 -10.02
N LYS A 290 -20.29 -19.82 -10.93
CA LYS A 290 -18.96 -19.99 -11.47
C LYS A 290 -17.89 -19.79 -10.40
N VAL A 291 -18.10 -18.85 -9.49
CA VAL A 291 -17.11 -18.64 -8.44
C VAL A 291 -17.08 -19.85 -7.51
N HIS A 292 -18.26 -20.40 -7.21
CA HIS A 292 -18.33 -21.56 -6.32
C HIS A 292 -17.62 -22.76 -6.92
N LYS A 293 -17.86 -23.00 -8.20
CA LYS A 293 -17.28 -24.12 -8.92
C LYS A 293 -15.78 -23.99 -9.16
N ILE A 294 -15.34 -22.81 -9.58
CA ILE A 294 -13.93 -22.56 -9.81
C ILE A 294 -13.22 -22.52 -8.45
N ASP A 295 -13.93 -22.03 -7.44
CA ASP A 295 -13.39 -21.94 -6.08
C ASP A 295 -12.00 -21.27 -5.97
N PRO A 296 -11.88 -20.03 -6.44
CA PRO A 296 -10.58 -19.33 -6.37
C PRO A 296 -10.10 -18.97 -4.97
N ASP A 297 -8.79 -19.07 -4.76
CA ASP A 297 -8.18 -18.71 -3.49
C ASP A 297 -7.92 -17.20 -3.54
N ILE A 298 -7.79 -16.68 -4.77
CA ILE A 298 -7.52 -15.27 -4.98
C ILE A 298 -8.33 -14.68 -6.13
N ILE A 299 -9.05 -13.60 -5.84
CA ILE A 299 -9.85 -12.91 -6.83
C ILE A 299 -9.15 -11.57 -7.12
N VAL A 300 -8.84 -11.33 -8.39
CA VAL A 300 -8.17 -10.08 -8.75
C VAL A 300 -9.01 -9.21 -9.65
N GLY A 301 -9.02 -7.92 -9.33
CA GLY A 301 -9.77 -6.95 -10.12
C GLY A 301 -9.13 -5.58 -10.05
N HIS A 302 -9.82 -4.58 -10.57
CA HIS A 302 -9.35 -3.20 -10.53
C HIS A 302 -10.45 -2.38 -9.89
N ASN A 303 -10.10 -1.63 -8.87
CA ASN A 303 -11.09 -0.81 -8.19
C ASN A 303 -12.20 -1.72 -7.64
N ILE A 304 -11.77 -2.81 -7.02
CA ILE A 304 -12.70 -3.77 -6.44
C ILE A 304 -13.27 -3.22 -5.15
N TYR A 305 -12.37 -2.88 -4.22
CA TYR A 305 -12.77 -2.36 -2.93
C TYR A 305 -13.52 -1.04 -2.95
N GLY A 306 -13.28 -0.23 -3.98
CA GLY A 306 -13.95 1.05 -4.05
C GLY A 306 -15.26 1.06 -4.81
N PHE A 307 -15.40 0.19 -5.80
CA PHE A 307 -16.61 0.19 -6.59
C PHE A 307 -17.22 -1.17 -6.89
N GLU A 308 -16.61 -1.91 -7.82
CA GLU A 308 -17.10 -3.21 -8.25
C GLU A 308 -17.72 -4.12 -7.19
N LEU A 309 -17.02 -4.33 -6.09
CA LEU A 309 -17.54 -5.22 -5.03
C LEU A 309 -18.83 -4.71 -4.41
N GLU A 310 -18.92 -3.40 -4.15
CA GLU A 310 -20.12 -2.83 -3.57
C GLU A 310 -21.30 -2.88 -4.55
N VAL A 311 -21.04 -2.56 -5.82
CA VAL A 311 -22.09 -2.61 -6.84
C VAL A 311 -22.59 -4.04 -7.04
N LEU A 312 -21.68 -5.00 -6.96
CA LEU A 312 -22.02 -6.41 -7.14
C LEU A 312 -22.94 -6.88 -6.00
N LEU A 313 -22.54 -6.61 -4.77
CA LEU A 313 -23.35 -7.03 -3.63
C LEU A 313 -24.71 -6.35 -3.62
N GLN A 314 -24.73 -5.05 -3.93
CA GLN A 314 -26.00 -4.33 -3.93
C GLN A 314 -26.92 -4.90 -4.99
N ARG A 315 -26.40 -5.07 -6.21
CA ARG A 315 -27.22 -5.63 -7.28
C ARG A 315 -27.67 -7.05 -6.97
N ILE A 316 -26.81 -7.81 -6.32
CA ILE A 316 -27.15 -9.18 -5.95
C ILE A 316 -28.32 -9.13 -5.00
N ASN A 317 -28.32 -8.12 -4.14
CA ASN A 317 -29.39 -7.96 -3.16
C ASN A 317 -30.68 -7.44 -3.81
N VAL A 318 -30.53 -6.48 -4.71
CA VAL A 318 -31.66 -5.90 -5.42
C VAL A 318 -32.36 -6.91 -6.32
N CYS A 319 -31.57 -7.62 -7.12
CA CYS A 319 -32.12 -8.62 -8.04
C CYS A 319 -32.42 -9.92 -7.29
N LYS A 320 -32.21 -9.91 -5.98
CA LYS A 320 -32.45 -11.10 -5.16
C LYS A 320 -31.79 -12.33 -5.79
N ALA A 321 -30.52 -12.18 -6.16
CA ALA A 321 -29.76 -13.28 -6.75
C ALA A 321 -29.60 -14.39 -5.71
N PRO A 322 -29.51 -15.65 -6.18
CA PRO A 322 -29.36 -16.81 -5.30
C PRO A 322 -27.95 -17.09 -4.78
N HIS A 323 -27.85 -17.39 -3.48
CA HIS A 323 -26.59 -17.74 -2.82
C HIS A 323 -25.48 -16.70 -2.84
N TRP A 324 -25.74 -15.50 -2.32
CA TRP A 324 -24.72 -14.45 -2.33
C TRP A 324 -23.43 -14.82 -1.61
N SER A 325 -23.53 -15.60 -0.54
CA SER A 325 -22.33 -15.94 0.23
C SER A 325 -21.35 -16.82 -0.52
N LYS A 326 -21.70 -17.27 -1.72
CA LYS A 326 -20.77 -18.09 -2.48
C LYS A 326 -19.62 -17.23 -2.98
N ILE A 327 -19.77 -15.93 -2.90
CA ILE A 327 -18.70 -15.05 -3.34
C ILE A 327 -17.55 -15.15 -2.35
N GLY A 328 -17.85 -15.71 -1.17
CA GLY A 328 -16.86 -15.92 -0.14
C GLY A 328 -16.78 -17.44 0.09
N ARG A 329 -16.12 -17.87 1.16
CA ARG A 329 -16.01 -19.30 1.43
C ARG A 329 -16.78 -19.71 2.69
N LEU A 330 -17.45 -18.75 3.30
CA LEU A 330 -18.20 -19.05 4.52
C LEU A 330 -19.69 -18.93 4.26
N LYS A 331 -20.43 -19.97 4.61
CA LYS A 331 -21.88 -19.97 4.42
C LYS A 331 -22.46 -18.99 5.41
N ARG A 332 -23.18 -17.99 4.90
CA ARG A 332 -23.78 -16.98 5.75
C ARG A 332 -25.22 -16.79 5.34
N SER A 333 -25.92 -15.90 6.03
CA SER A 333 -27.31 -15.65 5.70
C SER A 333 -27.58 -14.18 5.43
N ASN A 334 -27.18 -13.34 6.38
CA ASN A 334 -27.38 -11.89 6.26
C ASN A 334 -26.21 -11.22 5.55
N MET A 335 -26.52 -10.43 4.53
CA MET A 335 -25.52 -9.72 3.76
C MET A 335 -25.22 -8.33 4.31
N PRO A 336 -23.97 -8.09 4.74
CA PRO A 336 -23.52 -6.80 5.30
C PRO A 336 -23.17 -5.78 4.20
N LYS A 337 -23.37 -4.49 4.46
CA LYS A 337 -23.06 -3.47 3.45
C LYS A 337 -22.17 -2.35 4.01
N LEU A 338 -22.07 -1.25 3.25
CA LEU A 338 -21.26 -0.10 3.66
C LEU A 338 -22.12 1.16 3.69
N GLY A 343 -13.25 -1.37 3.19
CA GLY A 343 -14.08 -2.47 2.72
C GLY A 343 -14.32 -3.53 3.77
N PHE A 344 -14.90 -3.13 4.90
CA PHE A 344 -15.19 -4.06 6.00
C PHE A 344 -16.23 -5.08 5.60
N GLY A 345 -17.48 -4.65 5.53
CA GLY A 345 -18.56 -5.54 5.15
C GLY A 345 -18.17 -6.28 3.88
N GLU A 346 -17.34 -5.64 3.06
CA GLU A 346 -16.87 -6.23 1.82
C GLU A 346 -15.85 -7.33 2.10
N ARG A 347 -14.76 -6.97 2.79
CA ARG A 347 -13.72 -7.94 3.12
C ARG A 347 -14.35 -9.16 3.76
N ASN A 348 -15.39 -8.93 4.56
CA ASN A 348 -16.08 -10.04 5.20
C ASN A 348 -16.90 -10.82 4.20
N ALA A 349 -17.55 -10.13 3.27
CA ALA A 349 -18.36 -10.77 2.24
C ALA A 349 -17.58 -11.82 1.44
N THR A 350 -16.28 -11.59 1.26
CA THR A 350 -15.43 -12.52 0.51
C THR A 350 -14.57 -13.40 1.43
N CYS A 351 -14.99 -13.46 2.69
CA CYS A 351 -14.36 -14.24 3.74
C CYS A 351 -13.78 -15.57 3.24
N GLY A 352 -12.47 -15.74 3.39
CA GLY A 352 -11.85 -16.97 2.93
C GLY A 352 -11.16 -16.88 1.57
N ARG A 353 -11.52 -15.85 0.80
CA ARG A 353 -10.90 -15.63 -0.50
C ARG A 353 -10.14 -14.30 -0.41
N MET A 354 -8.89 -14.31 -0.84
CA MET A 354 -8.08 -13.10 -0.82
C MET A 354 -8.49 -12.21 -1.99
N ILE A 355 -8.60 -10.91 -1.75
CA ILE A 355 -8.95 -9.97 -2.82
C ILE A 355 -7.71 -9.15 -3.20
N CYS A 356 -7.32 -9.23 -4.46
CA CYS A 356 -6.19 -8.44 -4.94
C CYS A 356 -6.75 -7.36 -5.86
N ASP A 357 -6.54 -6.11 -5.47
CA ASP A 357 -7.02 -4.97 -6.25
C ASP A 357 -5.77 -4.29 -6.84
N VAL A 358 -5.48 -4.51 -8.13
CA VAL A 358 -4.27 -3.94 -8.74
C VAL A 358 -4.15 -2.42 -8.60
N GLU A 359 -5.27 -1.73 -8.43
CA GLU A 359 -5.23 -0.29 -8.26
C GLU A 359 -4.53 -0.03 -6.91
N ILE A 360 -5.00 -0.70 -5.87
CA ILE A 360 -4.39 -0.57 -4.55
C ILE A 360 -2.92 -1.03 -4.58
N SER A 361 -2.67 -2.17 -5.20
CA SER A 361 -1.29 -2.67 -5.24
C SER A 361 -0.36 -1.72 -5.99
N ALA A 362 -0.84 -1.15 -7.09
CA ALA A 362 -0.02 -0.23 -7.86
C ALA A 362 0.35 0.99 -7.03
N LYS A 363 -0.61 1.55 -6.28
CA LYS A 363 -0.32 2.71 -5.44
C LYS A 363 0.80 2.43 -4.47
N GLU A 364 0.89 1.21 -3.99
CA GLU A 364 1.93 0.84 -3.03
C GLU A 364 3.29 0.55 -3.67
N LEU A 365 3.27 0.02 -4.87
CA LEU A 365 4.51 -0.37 -5.54
C LEU A 365 5.13 0.61 -6.54
N ILE A 366 4.33 1.50 -7.10
CA ILE A 366 4.84 2.49 -8.07
C ILE A 366 4.08 3.81 -8.04
N ARG A 367 4.59 4.81 -8.77
CA ARG A 367 3.95 6.13 -8.83
C ARG A 367 3.39 6.39 -10.23
N CYS A 368 2.17 6.92 -10.29
CA CYS A 368 1.50 7.23 -11.56
C CYS A 368 0.71 8.54 -11.39
N LYS A 369 0.32 9.18 -12.50
CA LYS A 369 -0.44 10.42 -12.35
C LYS A 369 -1.85 10.05 -11.89
N SER A 370 -2.28 8.86 -12.26
CA SER A 370 -3.58 8.34 -11.82
C SER A 370 -3.48 6.83 -11.83
N TYR A 371 -4.31 6.18 -11.03
CA TYR A 371 -4.28 4.73 -10.95
C TYR A 371 -5.50 4.09 -11.62
N HIS A 372 -6.06 4.79 -12.59
CA HIS A 372 -7.20 4.29 -13.35
C HIS A 372 -6.63 3.25 -14.31
N LEU A 373 -7.48 2.34 -14.77
CA LEU A 373 -6.99 1.26 -15.61
C LEU A 373 -6.25 1.67 -16.89
N SER A 374 -6.77 2.64 -17.63
CA SER A 374 -6.09 3.08 -18.87
C SER A 374 -4.67 3.55 -18.56
N GLU A 375 -4.56 4.42 -17.55
CA GLU A 375 -3.27 4.94 -17.13
C GLU A 375 -2.31 3.81 -16.75
N LEU A 376 -2.81 2.78 -16.06
CA LEU A 376 -1.95 1.67 -15.65
C LEU A 376 -1.55 0.78 -16.82
N VAL A 377 -2.49 0.53 -17.73
CA VAL A 377 -2.18 -0.30 -18.89
C VAL A 377 -1.11 0.37 -19.74
N GLN A 378 -1.14 1.70 -19.76
CA GLN A 378 -0.19 2.47 -20.53
C GLN A 378 1.20 2.43 -19.91
N GLN A 379 1.29 2.79 -18.63
CA GLN A 379 2.58 2.80 -17.94
C GLN A 379 3.24 1.43 -17.73
N ILE A 380 2.45 0.42 -17.36
CA ILE A 380 2.99 -0.90 -17.07
C ILE A 380 3.02 -1.92 -18.21
N LEU A 381 1.99 -1.92 -19.04
CA LEU A 381 1.94 -2.87 -20.15
C LEU A 381 2.35 -2.22 -21.48
N LYS A 382 2.44 -0.90 -21.48
CA LYS A 382 2.85 -0.16 -22.67
C LYS A 382 1.97 -0.48 -23.87
N THR A 383 0.67 -0.32 -23.68
CA THR A 383 -0.32 -0.56 -24.73
C THR A 383 -1.45 0.41 -24.48
N GLU A 384 -2.29 0.62 -25.50
CA GLU A 384 -3.40 1.54 -25.34
C GLU A 384 -4.63 0.74 -24.97
N ARG A 385 -5.52 1.37 -24.21
CA ARG A 385 -6.75 0.73 -23.80
C ARG A 385 -7.93 1.60 -24.20
N VAL A 386 -8.79 1.04 -25.04
CA VAL A 386 -9.97 1.75 -25.51
C VAL A 386 -10.96 1.98 -24.37
N VAL A 387 -11.69 3.09 -24.43
CA VAL A 387 -12.69 3.39 -23.43
C VAL A 387 -14.07 3.38 -24.07
N ILE A 388 -15.03 2.74 -23.40
CA ILE A 388 -16.39 2.67 -23.90
C ILE A 388 -17.33 3.39 -22.94
N PRO A 389 -17.58 4.69 -23.18
CA PRO A 389 -18.45 5.51 -22.34
C PRO A 389 -19.84 4.90 -22.16
N MET A 390 -20.34 4.92 -20.93
CA MET A 390 -21.66 4.36 -20.61
C MET A 390 -22.76 4.68 -21.63
N GLU A 391 -22.69 5.87 -22.20
CA GLU A 391 -23.68 6.31 -23.18
C GLU A 391 -23.70 5.41 -24.42
N ASN A 392 -22.55 5.32 -25.07
CA ASN A 392 -22.37 4.53 -26.28
C ASN A 392 -22.79 3.07 -26.06
N ILE A 393 -22.87 2.66 -24.80
CA ILE A 393 -23.24 1.30 -24.45
C ILE A 393 -24.58 0.87 -25.04
N GLN A 394 -25.62 1.65 -24.78
CA GLN A 394 -26.97 1.37 -25.27
C GLN A 394 -27.02 1.08 -26.77
N ASN A 395 -26.48 2.00 -27.56
CA ASN A 395 -26.45 1.86 -29.01
C ASN A 395 -25.83 0.54 -29.44
N MET A 396 -25.04 -0.05 -28.54
CA MET A 396 -24.37 -1.31 -28.85
C MET A 396 -25.28 -2.53 -28.82
N TYR A 397 -26.32 -2.49 -27.99
CA TYR A 397 -27.27 -3.59 -27.92
C TYR A 397 -28.05 -3.69 -29.21
N SER A 398 -28.15 -2.56 -29.92
CA SER A 398 -28.89 -2.50 -31.16
C SER A 398 -28.35 -3.51 -32.19
N GLU A 399 -27.03 -3.64 -32.26
CA GLU A 399 -26.44 -4.57 -33.22
C GLU A 399 -25.62 -5.66 -32.55
N SER A 400 -25.58 -6.84 -33.20
CA SER A 400 -24.83 -7.98 -32.67
C SER A 400 -23.36 -7.67 -32.46
N SER A 401 -22.68 -7.27 -33.54
CA SER A 401 -21.25 -6.97 -33.46
C SER A 401 -20.90 -5.99 -32.33
N GLN A 402 -21.79 -5.04 -32.06
CA GLN A 402 -21.52 -4.08 -30.99
C GLN A 402 -21.55 -4.76 -29.62
N LEU A 403 -22.59 -5.54 -29.35
CA LEU A 403 -22.67 -6.23 -28.07
C LEU A 403 -21.47 -7.16 -27.96
N LEU A 404 -21.09 -7.76 -29.08
CA LEU A 404 -19.95 -8.66 -29.10
C LEU A 404 -18.66 -7.90 -28.82
N TYR A 405 -18.56 -6.68 -29.35
CA TYR A 405 -17.38 -5.84 -29.15
C TYR A 405 -17.24 -5.47 -27.68
N LEU A 406 -18.37 -5.09 -27.08
CA LEU A 406 -18.42 -4.69 -25.67
C LEU A 406 -18.01 -5.86 -24.80
N LEU A 407 -18.41 -7.06 -25.20
CA LEU A 407 -18.11 -8.26 -24.45
C LEU A 407 -16.62 -8.58 -24.55
N GLU A 408 -16.05 -8.35 -25.74
CA GLU A 408 -14.64 -8.63 -25.94
C GLU A 408 -13.82 -7.60 -25.19
N HIS A 409 -14.37 -6.40 -25.07
CA HIS A 409 -13.69 -5.32 -24.37
C HIS A 409 -13.56 -5.67 -22.89
N THR A 410 -14.67 -6.11 -22.29
CA THR A 410 -14.67 -6.50 -20.88
C THR A 410 -13.62 -7.59 -20.66
N TRP A 411 -13.52 -8.50 -21.61
CA TRP A 411 -12.55 -9.60 -21.54
C TRP A 411 -11.14 -9.03 -21.55
N LYS A 412 -10.90 -8.08 -22.44
CA LYS A 412 -9.60 -7.44 -22.54
C LYS A 412 -9.17 -6.79 -21.22
N ASP A 413 -10.12 -6.17 -20.52
CA ASP A 413 -9.82 -5.53 -19.24
C ASP A 413 -9.45 -6.55 -18.17
N ALA A 414 -10.13 -7.70 -18.18
CA ALA A 414 -9.85 -8.76 -17.23
C ALA A 414 -8.42 -9.23 -17.47
N LYS A 415 -8.06 -9.32 -18.75
CA LYS A 415 -6.72 -9.74 -19.13
C LYS A 415 -5.65 -8.70 -18.78
N PHE A 416 -5.97 -7.41 -18.97
CA PHE A 416 -5.05 -6.33 -18.65
C PHE A 416 -4.74 -6.39 -17.17
N ILE A 417 -5.81 -6.47 -16.37
CA ILE A 417 -5.72 -6.56 -14.93
C ILE A 417 -4.79 -7.72 -14.51
N LEU A 418 -5.02 -8.89 -15.08
CA LEU A 418 -4.20 -10.05 -14.76
C LEU A 418 -2.74 -9.83 -15.15
N GLN A 419 -2.51 -9.30 -16.36
CA GLN A 419 -1.15 -9.05 -16.82
C GLN A 419 -0.42 -8.01 -15.94
N ILE A 420 -1.14 -6.99 -15.48
CA ILE A 420 -0.55 -5.99 -14.60
C ILE A 420 -0.12 -6.68 -13.29
N MET A 421 -0.99 -7.53 -12.76
CA MET A 421 -0.71 -8.24 -11.52
C MET A 421 0.59 -9.03 -11.66
N CYS A 422 0.76 -9.73 -12.77
CA CYS A 422 1.97 -10.51 -13.02
C CYS A 422 3.21 -9.64 -13.25
N GLU A 423 3.02 -8.55 -13.97
CA GLU A 423 4.11 -7.63 -14.29
C GLU A 423 4.68 -7.01 -12.99
N LEU A 424 3.81 -6.55 -12.09
CA LEU A 424 4.26 -5.96 -10.83
C LEU A 424 4.66 -7.05 -9.85
N ASN A 425 4.42 -8.30 -10.21
CA ASN A 425 4.74 -9.44 -9.37
C ASN A 425 4.11 -9.25 -7.99
N VAL A 426 2.86 -8.79 -8.00
CA VAL A 426 2.10 -8.50 -6.80
C VAL A 426 1.93 -9.65 -5.80
N LEU A 427 1.49 -10.82 -6.28
CA LEU A 427 1.24 -11.92 -5.37
C LEU A 427 2.47 -12.45 -4.64
N PRO A 428 3.60 -12.67 -5.34
CA PRO A 428 4.79 -13.17 -4.65
C PRO A 428 5.26 -12.17 -3.59
N LEU A 429 5.19 -10.88 -3.94
CA LEU A 429 5.58 -9.81 -3.03
C LEU A 429 4.71 -9.78 -1.78
N ALA A 430 3.40 -9.84 -1.98
CA ALA A 430 2.48 -9.84 -0.86
C ALA A 430 2.74 -11.07 0.03
N LEU A 431 3.06 -12.22 -0.57
CA LEU A 431 3.35 -13.41 0.23
C LEU A 431 4.61 -13.18 1.08
N GLN A 432 5.68 -12.70 0.44
CA GLN A 432 6.93 -12.44 1.10
C GLN A 432 6.76 -11.50 2.31
N ILE A 433 5.98 -10.44 2.12
CA ILE A 433 5.73 -9.48 3.17
C ILE A 433 4.88 -10.10 4.29
N THR A 434 3.97 -11.00 3.93
CA THR A 434 3.13 -11.65 4.93
C THR A 434 3.89 -12.68 5.77
N ASN A 435 4.84 -13.39 5.17
CA ASN A 435 5.63 -14.38 5.90
C ASN A 435 6.60 -13.63 6.82
N ILE A 436 7.03 -12.44 6.40
CA ILE A 436 7.94 -11.61 7.21
C ILE A 436 7.24 -10.96 8.42
N ALA A 437 6.09 -10.34 8.18
CA ALA A 437 5.34 -9.68 9.25
C ALA A 437 4.57 -10.68 10.10
N GLY A 438 4.19 -11.80 9.49
CA GLY A 438 3.45 -12.81 10.21
C GLY A 438 2.00 -12.39 10.42
N ASN A 439 1.47 -11.56 9.51
CA ASN A 439 0.08 -11.11 9.61
C ASN A 439 -0.77 -12.01 8.70
N ILE A 440 -1.90 -11.50 8.18
CA ILE A 440 -2.78 -12.28 7.30
C ILE A 440 -2.68 -11.74 5.85
N MET A 441 -2.41 -12.62 4.89
CA MET A 441 -2.22 -12.18 3.51
C MET A 441 -3.31 -11.32 2.88
N SER A 442 -4.57 -11.58 3.21
CA SER A 442 -5.63 -10.74 2.63
C SER A 442 -5.50 -9.31 3.18
N ARG A 443 -4.97 -9.16 4.38
CA ARG A 443 -4.80 -7.83 4.97
C ARG A 443 -3.62 -7.14 4.29
N THR A 444 -2.56 -7.89 4.02
CA THR A 444 -1.41 -7.32 3.36
C THR A 444 -1.86 -6.69 2.04
N LEU A 445 -2.69 -7.40 1.29
CA LEU A 445 -3.20 -6.95 -0.01
C LEU A 445 -4.13 -5.74 0.04
N MET A 446 -4.62 -5.37 1.22
CA MET A 446 -5.49 -4.21 1.33
C MET A 446 -4.65 -2.95 1.50
N GLY A 447 -3.35 -3.11 1.69
CA GLY A 447 -2.46 -1.98 1.85
C GLY A 447 -2.26 -1.56 3.30
N GLY A 448 -1.41 -0.57 3.51
CA GLY A 448 -1.15 -0.10 4.87
C GLY A 448 0.10 -0.74 5.44
N ARG A 449 0.91 0.05 6.12
CA ARG A 449 2.14 -0.47 6.67
C ARG A 449 2.02 -0.78 8.16
N SER A 450 1.16 -0.04 8.85
CA SER A 450 1.05 -0.17 10.31
C SER A 450 0.63 -1.51 10.89
N GLU A 451 -0.41 -2.11 10.33
CA GLU A 451 -0.85 -3.40 10.85
C GLU A 451 0.27 -4.43 10.71
N ARG A 452 0.99 -4.39 9.60
CA ARG A 452 2.09 -5.33 9.39
C ARG A 452 3.17 -5.15 10.43
N ASN A 453 3.56 -3.90 10.67
CA ASN A 453 4.63 -3.62 11.64
C ASN A 453 4.21 -4.09 13.03
N GLU A 454 2.94 -3.91 13.37
CA GLU A 454 2.42 -4.35 14.66
C GLU A 454 2.58 -5.88 14.79
N PHE A 455 2.17 -6.62 13.76
CA PHE A 455 2.28 -8.08 13.80
C PHE A 455 3.71 -8.51 13.88
N LEU A 456 4.57 -7.83 13.14
CA LEU A 456 5.97 -8.20 13.18
C LEU A 456 6.49 -8.07 14.62
N LEU A 457 6.18 -6.95 15.29
CA LEU A 457 6.63 -6.74 16.67
C LEU A 457 5.93 -7.71 17.65
N LEU A 458 4.63 -7.93 17.49
CA LEU A 458 3.94 -8.88 18.37
C LEU A 458 4.64 -10.25 18.37
N HIS A 459 4.95 -10.79 17.20
CA HIS A 459 5.64 -12.09 17.14
C HIS A 459 7.00 -12.01 17.83
N ALA A 460 7.77 -10.99 17.49
CA ALA A 460 9.09 -10.85 18.07
C ALA A 460 9.05 -10.75 19.61
N PHE A 461 8.12 -9.97 20.17
CA PHE A 461 8.08 -9.86 21.62
C PHE A 461 7.52 -11.13 22.30
N TYR A 462 6.54 -11.81 21.70
CA TYR A 462 6.03 -13.06 22.28
C TYR A 462 7.20 -14.06 22.32
N GLU A 463 7.95 -14.08 21.23
CA GLU A 463 9.08 -14.99 21.09
C GLU A 463 10.13 -14.77 22.17
N ASN A 464 10.34 -13.51 22.53
CA ASN A 464 11.32 -13.15 23.55
C ASN A 464 10.72 -13.13 24.95
N ASN A 465 9.48 -13.63 25.06
CA ASN A 465 8.79 -13.74 26.34
C ASN A 465 8.43 -12.43 27.01
N TYR A 466 7.93 -11.49 26.22
CA TYR A 466 7.53 -10.20 26.73
C TYR A 466 6.02 -10.09 26.78
N ILE A 467 5.54 -9.26 27.71
CA ILE A 467 4.11 -8.99 27.79
C ILE A 467 4.01 -7.91 26.71
N VAL A 468 2.96 -7.94 25.90
CA VAL A 468 2.81 -6.93 24.86
C VAL A 468 1.65 -6.05 25.26
N PRO A 469 1.63 -4.80 24.75
CA PRO A 469 0.55 -3.87 25.07
C PRO A 469 -0.80 -4.42 24.59
N ASP A 470 -1.89 -4.01 25.23
CA ASP A 470 -3.21 -4.46 24.78
C ASP A 470 -3.62 -3.56 23.64
N LYS A 471 -4.49 -4.04 22.76
CA LYS A 471 -4.98 -3.19 21.69
C LYS A 471 -5.78 -2.13 22.43
N GLN A 472 -5.85 -0.91 21.87
CA GLN A 472 -6.60 0.16 22.52
C GLN A 472 -7.82 0.55 21.69
N ILE A 473 -8.83 1.09 22.34
CA ILE A 473 -10.05 1.52 21.65
C ILE A 473 -10.69 2.72 22.36
N ARG A 499 -3.50 14.48 6.51
CA ARG A 499 -2.21 14.58 7.19
C ARG A 499 -2.20 15.59 8.31
N LYS A 500 -1.67 15.16 9.46
CA LYS A 500 -1.60 15.99 10.65
C LYS A 500 -0.33 16.85 10.74
N LYS A 501 -0.28 17.66 11.79
CA LYS A 501 0.84 18.55 12.04
C LYS A 501 1.96 17.72 12.68
N ALA A 502 3.21 18.00 12.32
CA ALA A 502 4.33 17.26 12.89
C ALA A 502 4.28 17.38 14.41
N ALA A 503 4.80 16.39 15.11
CA ALA A 503 4.80 16.40 16.58
C ALA A 503 6.23 16.29 17.13
N TYR A 504 7.21 16.32 16.24
CA TYR A 504 8.61 16.28 16.62
C TYR A 504 9.48 16.59 15.41
N ALA A 505 10.77 16.80 15.65
CA ALA A 505 11.70 17.15 14.58
C ALA A 505 12.07 15.98 13.67
N GLY A 506 12.28 16.29 12.39
CA GLY A 506 12.63 15.27 11.43
C GLY A 506 14.03 15.39 10.86
N GLY A 507 14.14 15.26 9.54
CA GLY A 507 15.44 15.35 8.90
C GLY A 507 15.86 16.78 8.64
N LEU A 508 17.17 16.95 8.44
CA LEU A 508 17.75 18.26 8.16
C LEU A 508 17.95 18.39 6.66
N VAL A 509 17.51 19.52 6.11
CA VAL A 509 17.69 19.76 4.69
C VAL A 509 18.59 20.98 4.62
N LEU A 510 19.72 20.83 3.95
CA LEU A 510 20.68 21.93 3.82
C LEU A 510 20.19 22.99 2.88
N ASP A 511 20.59 24.23 3.15
CA ASP A 511 20.21 25.36 2.31
C ASP A 511 21.03 25.25 1.02
N PRO A 512 20.36 25.08 -0.12
CA PRO A 512 21.03 24.95 -1.40
C PRO A 512 21.73 26.20 -1.95
N LYS A 513 22.72 25.95 -2.80
CA LYS A 513 23.42 27.02 -3.46
C LYS A 513 22.89 26.94 -4.88
N VAL A 514 21.73 27.59 -5.04
CA VAL A 514 20.98 27.65 -6.29
C VAL A 514 21.81 28.07 -7.50
N GLY A 515 21.56 27.42 -8.64
CA GLY A 515 22.28 27.76 -9.85
C GLY A 515 22.48 26.59 -10.79
N PHE A 516 23.15 26.86 -11.91
CA PHE A 516 23.44 25.86 -12.93
C PHE A 516 24.90 25.46 -12.72
N TYR A 517 25.24 24.21 -13.01
CA TYR A 517 26.61 23.72 -12.84
C TYR A 517 27.12 22.97 -14.06
N ASP A 518 28.36 23.31 -14.46
CA ASP A 518 29.06 22.74 -15.62
C ASP A 518 29.96 21.58 -15.32
N LYS A 519 30.60 21.63 -14.15
CA LYS A 519 31.53 20.60 -13.75
C LYS A 519 30.80 19.43 -13.10
N PHE A 520 31.50 18.32 -12.93
CA PHE A 520 30.91 17.13 -12.31
C PHE A 520 30.48 17.40 -10.87
N ILE A 521 29.34 16.82 -10.49
CA ILE A 521 28.85 16.96 -9.11
C ILE A 521 28.83 15.56 -8.51
N LEU A 522 29.24 15.48 -7.25
CA LEU A 522 29.32 14.23 -6.50
C LEU A 522 28.20 14.14 -5.48
N LEU A 523 27.38 13.10 -5.57
CA LEU A 523 26.29 12.90 -4.60
C LEU A 523 26.54 11.65 -3.74
N LEU A 524 26.72 11.87 -2.44
CA LEU A 524 26.95 10.80 -1.48
C LEU A 524 25.68 10.64 -0.65
N ASP A 525 25.31 9.39 -0.35
CA ASP A 525 24.10 9.08 0.41
C ASP A 525 24.33 7.87 1.33
N PHE A 526 23.92 7.99 2.61
CA PHE A 526 24.04 6.89 3.56
C PHE A 526 23.07 5.72 3.25
N ASN A 527 23.54 4.48 3.39
CA ASN A 527 22.68 3.30 3.15
C ASN A 527 21.78 3.07 4.37
N SER A 528 20.48 2.91 4.14
CA SER A 528 19.55 2.66 5.26
C SER A 528 19.84 3.49 6.51
N LEU A 529 20.01 4.80 6.34
CA LEU A 529 20.34 5.65 7.49
C LEU A 529 19.60 5.37 8.80
N TYR A 530 18.29 5.62 8.84
CA TYR A 530 17.53 5.42 10.07
C TYR A 530 17.60 4.00 10.63
N PRO A 531 17.44 2.97 9.77
CA PRO A 531 17.52 1.61 10.29
C PRO A 531 18.91 1.37 10.89
N SER A 532 19.93 1.96 10.25
CA SER A 532 21.31 1.83 10.73
C SER A 532 21.53 2.60 12.01
N ILE A 533 20.89 3.75 12.15
CA ILE A 533 21.01 4.57 13.35
C ILE A 533 20.40 3.81 14.53
N ILE A 534 19.32 3.09 14.27
CA ILE A 534 18.65 2.33 15.30
C ILE A 534 19.59 1.22 15.80
N GLN A 535 20.27 0.55 14.87
CA GLN A 535 21.21 -0.51 15.23
C GLN A 535 22.47 0.08 15.85
N GLU A 536 23.12 0.97 15.09
CA GLU A 536 24.37 1.62 15.51
C GLU A 536 24.35 2.21 16.92
N PHE A 537 23.18 2.61 17.41
CA PHE A 537 23.07 3.17 18.76
C PHE A 537 22.19 2.31 19.65
N ASN A 538 21.80 1.14 19.14
CA ASN A 538 20.96 0.19 19.89
C ASN A 538 19.72 0.85 20.48
N ILE A 539 18.92 1.49 19.64
CA ILE A 539 17.70 2.14 20.10
C ILE A 539 16.56 1.11 20.13
N CYS A 540 15.90 0.97 21.29
CA CYS A 540 14.82 0.00 21.42
C CYS A 540 13.90 0.29 22.59
N PHE A 541 12.71 -0.31 22.55
CA PHE A 541 11.72 -0.17 23.62
C PHE A 541 12.36 -0.67 24.92
N THR A 542 13.30 -1.62 24.78
CA THR A 542 13.99 -2.23 25.92
C THR A 542 15.31 -1.58 26.38
N THR A 543 15.86 -0.63 25.61
CA THR A 543 17.13 -0.03 25.99
C THR A 543 17.17 1.48 26.20
N VAL A 544 16.07 2.17 25.90
CA VAL A 544 16.03 3.63 26.04
C VAL A 544 15.04 4.08 27.12
N GLN A 545 15.52 4.86 28.09
CA GLN A 545 14.66 5.37 29.15
C GLN A 545 13.83 6.54 28.64
N ARG A 546 12.57 6.60 29.05
CA ARG A 546 11.67 7.66 28.59
C ARG A 546 10.46 7.73 29.52
N VAL A 547 9.41 8.42 29.09
CA VAL A 547 8.18 8.53 29.87
C VAL A 547 6.99 8.76 28.95
N GLU A 561 8.24 16.76 25.18
CA GLU A 561 9.27 16.92 24.16
C GLU A 561 10.66 17.00 24.80
N GLN A 562 11.34 15.85 24.83
CA GLN A 562 12.68 15.76 25.39
C GLN A 562 13.34 14.57 24.74
N ILE A 563 14.56 14.76 24.25
CA ILE A 563 15.28 13.67 23.61
C ILE A 563 16.00 12.81 24.63
N PRO A 564 15.61 11.53 24.73
CA PRO A 564 16.24 10.61 25.69
C PRO A 564 17.74 10.45 25.46
N GLU A 565 18.40 9.75 26.38
CA GLU A 565 19.83 9.53 26.28
C GLU A 565 20.17 8.18 25.65
N LEU A 566 21.29 8.13 24.92
CA LEU A 566 21.72 6.89 24.31
C LEU A 566 22.02 5.92 25.44
N PRO A 567 21.56 4.66 25.33
CA PRO A 567 21.80 3.66 26.38
C PRO A 567 23.27 3.26 26.48
N ASP A 568 23.70 2.79 27.65
CA ASP A 568 25.09 2.36 27.85
C ASP A 568 25.47 1.35 26.79
N PRO A 569 26.56 1.61 26.06
CA PRO A 569 27.06 0.74 24.99
C PRO A 569 27.42 -0.69 25.39
N SER A 570 27.19 -1.03 26.66
CA SER A 570 27.48 -2.38 27.14
C SER A 570 26.26 -3.26 26.90
N LEU A 571 25.09 -2.67 27.10
CA LEU A 571 23.81 -3.35 26.92
C LEU A 571 23.75 -4.17 25.63
N GLU A 572 23.04 -5.29 25.69
CA GLU A 572 22.90 -6.18 24.53
C GLU A 572 21.90 -5.61 23.51
N MET A 573 22.08 -5.94 22.23
CA MET A 573 21.18 -5.46 21.18
C MET A 573 19.74 -5.80 21.52
N GLY A 574 18.84 -4.83 21.32
CA GLY A 574 17.43 -5.06 21.62
C GLY A 574 16.63 -5.67 20.48
N ILE A 575 15.35 -5.93 20.75
CA ILE A 575 14.47 -6.52 19.75
C ILE A 575 14.33 -5.69 18.46
N LEU A 576 14.11 -4.39 18.61
CA LEU A 576 13.95 -3.50 17.48
C LEU A 576 15.14 -3.49 16.53
N PRO A 577 16.36 -3.30 17.05
CA PRO A 577 17.53 -3.28 16.14
C PRO A 577 17.70 -4.64 15.43
N ARG A 578 17.43 -5.73 16.15
CA ARG A 578 17.56 -7.05 15.56
C ARG A 578 16.56 -7.24 14.42
N GLU A 579 15.31 -6.90 14.67
CA GLU A 579 14.27 -7.02 13.66
C GLU A 579 14.54 -6.12 12.45
N ILE A 580 14.97 -4.89 12.74
CA ILE A 580 15.28 -3.91 11.71
C ILE A 580 16.44 -4.44 10.88
N ARG A 581 17.44 -4.98 11.57
CA ARG A 581 18.60 -5.54 10.92
C ARG A 581 18.18 -6.61 9.90
N LYS A 582 17.23 -7.46 10.27
CA LYS A 582 16.81 -8.51 9.36
C LYS A 582 16.16 -7.93 8.09
N LEU A 583 15.47 -6.81 8.20
CA LEU A 583 14.87 -6.20 7.00
C LEU A 583 15.94 -5.59 6.10
N VAL A 584 17.02 -5.07 6.68
CA VAL A 584 18.12 -4.48 5.91
C VAL A 584 18.92 -5.58 5.19
N GLU A 585 19.16 -6.71 5.86
CA GLU A 585 19.89 -7.81 5.23
C GLU A 585 19.11 -8.35 4.03
N ARG A 586 17.80 -8.54 4.21
CA ARG A 586 16.99 -9.03 3.11
C ARG A 586 17.10 -8.09 1.91
N ARG A 587 17.11 -6.79 2.17
CA ARG A 587 17.19 -5.81 1.10
C ARG A 587 18.55 -5.88 0.38
N LYS A 588 19.62 -6.05 1.14
CA LYS A 588 20.97 -6.16 0.54
C LYS A 588 21.08 -7.36 -0.40
N GLN A 589 20.44 -8.47 -0.02
CA GLN A 589 20.46 -9.68 -0.83
C GLN A 589 19.85 -9.38 -2.18
N VAL A 590 18.67 -8.76 -2.15
CA VAL A 590 18.00 -8.39 -3.39
C VAL A 590 18.84 -7.42 -4.23
N LYS A 591 19.60 -6.54 -3.57
CA LYS A 591 20.40 -5.58 -4.32
C LYS A 591 21.58 -6.32 -4.92
N GLN A 592 22.05 -7.35 -4.23
CA GLN A 592 23.15 -8.17 -4.75
C GLN A 592 22.68 -8.85 -6.03
N LEU A 593 21.47 -9.41 -6.02
CA LEU A 593 20.93 -10.06 -7.21
C LEU A 593 20.86 -9.12 -8.41
N MET A 594 20.47 -7.87 -8.19
CA MET A 594 20.37 -6.90 -9.28
C MET A 594 21.73 -6.64 -9.90
N LYS A 595 22.75 -6.65 -9.05
CA LYS A 595 24.13 -6.40 -9.46
C LYS A 595 24.60 -7.43 -10.48
N GLN A 596 23.95 -8.60 -10.49
CA GLN A 596 24.30 -9.71 -11.38
C GLN A 596 24.39 -9.50 -12.89
N GLN A 597 25.19 -10.39 -13.47
CA GLN A 597 25.53 -10.46 -14.90
C GLN A 597 24.38 -10.56 -15.90
N ASP A 598 24.18 -9.49 -16.66
CA ASP A 598 23.15 -9.42 -17.70
C ASP A 598 21.79 -10.04 -17.36
N LEU A 599 20.83 -9.21 -17.00
CA LEU A 599 19.48 -9.67 -16.66
C LEU A 599 18.39 -8.99 -17.49
N ASN A 600 17.20 -9.57 -17.44
CA ASN A 600 16.05 -9.05 -18.19
C ASN A 600 15.62 -7.70 -17.67
N PRO A 601 15.13 -6.82 -18.55
CA PRO A 601 14.66 -5.48 -18.18
C PRO A 601 13.42 -5.57 -17.29
N ASP A 602 12.62 -6.60 -17.55
CA ASP A 602 11.38 -6.84 -16.81
C ASP A 602 11.70 -7.33 -15.40
N LEU A 603 12.65 -8.27 -15.31
CA LEU A 603 13.05 -8.84 -14.03
C LEU A 603 13.77 -7.80 -13.17
N ILE A 604 14.61 -7.00 -13.83
CA ILE A 604 15.36 -5.97 -13.12
C ILE A 604 14.39 -5.00 -12.43
N LEU A 605 13.28 -4.71 -13.11
CA LEU A 605 12.28 -3.81 -12.54
C LEU A 605 11.66 -4.45 -11.31
N GLN A 606 11.35 -5.74 -11.41
CA GLN A 606 10.74 -6.46 -10.30
C GLN A 606 11.65 -6.48 -9.08
N TYR A 607 12.95 -6.66 -9.30
CA TYR A 607 13.91 -6.66 -8.19
C TYR A 607 13.99 -5.26 -7.58
N ASP A 608 13.88 -4.25 -8.42
CA ASP A 608 13.95 -2.88 -7.95
C ASP A 608 12.74 -2.50 -7.11
N ILE A 609 11.57 -3.00 -7.51
CA ILE A 609 10.34 -2.73 -6.78
C ILE A 609 10.40 -3.41 -5.40
N ARG A 610 10.87 -4.66 -5.42
CA ARG A 610 11.00 -5.45 -4.22
C ARG A 610 11.99 -4.83 -3.24
N GLN A 611 13.11 -4.39 -3.77
CA GLN A 611 14.15 -3.75 -2.96
C GLN A 611 13.59 -2.49 -2.27
N LYS A 612 12.76 -1.76 -2.98
CA LYS A 612 12.18 -0.55 -2.41
C LYS A 612 11.08 -0.90 -1.41
N ALA A 613 10.42 -2.02 -1.64
CA ALA A 613 9.34 -2.46 -0.74
C ALA A 613 9.95 -2.80 0.64
N LEU A 614 11.12 -3.43 0.63
CA LEU A 614 11.81 -3.76 1.87
C LEU A 614 12.40 -2.49 2.52
N LYS A 615 12.68 -1.47 1.71
CA LYS A 615 13.21 -0.23 2.25
C LYS A 615 12.07 0.47 3.00
N LEU A 616 10.92 0.54 2.35
CA LEU A 616 9.74 1.17 2.92
C LEU A 616 9.29 0.46 4.18
N THR A 617 9.48 -0.86 4.23
CA THR A 617 9.05 -1.63 5.39
C THR A 617 9.94 -1.28 6.59
N ALA A 618 11.25 -1.19 6.36
CA ALA A 618 12.16 -0.83 7.44
C ALA A 618 11.91 0.62 7.89
N ASN A 619 11.66 1.53 6.96
CA ASN A 619 11.40 2.92 7.34
C ASN A 619 10.06 3.07 8.03
N SER A 620 9.10 2.22 7.68
CA SER A 620 7.79 2.26 8.32
C SER A 620 7.91 1.75 9.75
N MET A 621 8.91 0.92 10.01
CA MET A 621 9.11 0.41 11.35
C MET A 621 9.58 1.58 12.20
N TYR A 622 10.37 2.47 11.62
CA TYR A 622 10.81 3.65 12.37
C TYR A 622 9.60 4.58 12.55
N GLY A 623 8.85 4.77 11.47
CA GLY A 623 7.69 5.66 11.49
C GLY A 623 6.59 5.32 12.46
N CYS A 624 6.31 4.03 12.66
CA CYS A 624 5.25 3.66 13.58
C CYS A 624 5.61 4.07 15.00
N LEU A 625 6.90 4.20 15.30
CA LEU A 625 7.31 4.63 16.64
C LEU A 625 6.70 6.02 16.90
N GLY A 626 6.51 6.78 15.84
CA GLY A 626 5.95 8.11 15.98
C GLY A 626 4.51 8.20 15.56
N PHE A 627 3.86 7.05 15.37
CA PHE A 627 2.46 6.99 14.96
C PHE A 627 1.63 6.97 16.25
N SER A 628 0.97 8.08 16.57
CA SER A 628 0.19 8.19 17.80
C SER A 628 -0.82 7.08 18.05
N TYR A 629 -1.39 6.50 16.99
CA TYR A 629 -2.36 5.42 17.19
C TYR A 629 -1.74 4.03 17.18
N SER A 630 -0.42 3.97 17.04
CA SER A 630 0.27 2.69 17.03
C SER A 630 0.22 1.98 18.37
N ARG A 631 0.17 0.66 18.31
CA ARG A 631 0.11 -0.18 19.50
C ARG A 631 1.46 -0.12 20.21
N PHE A 632 2.50 0.26 19.46
CA PHE A 632 3.84 0.36 20.03
C PHE A 632 4.35 1.80 19.89
N TYR A 633 3.46 2.76 20.12
CA TYR A 633 3.79 4.17 20.04
C TYR A 633 4.88 4.49 21.05
N ALA A 634 5.93 5.14 20.60
CA ALA A 634 7.05 5.52 21.45
C ALA A 634 7.75 6.74 20.85
N LYS A 635 7.09 7.89 20.90
CA LYS A 635 7.62 9.12 20.32
C LYS A 635 9.07 9.48 20.71
N PRO A 636 9.43 9.33 21.99
CA PRO A 636 10.82 9.68 22.34
C PRO A 636 11.83 8.93 21.46
N LEU A 637 11.54 7.66 21.17
CA LEU A 637 12.41 6.84 20.33
C LEU A 637 12.50 7.38 18.91
N ALA A 638 11.36 7.78 18.36
CA ALA A 638 11.32 8.32 17.02
C ALA A 638 12.17 9.60 17.00
N ALA A 639 11.95 10.47 17.98
CA ALA A 639 12.69 11.74 18.10
C ALA A 639 14.20 11.53 18.27
N LEU A 640 14.60 10.49 18.99
CA LEU A 640 16.01 10.21 19.17
C LEU A 640 16.64 9.82 17.82
N VAL A 641 15.92 8.97 17.06
CA VAL A 641 16.46 8.56 15.76
C VAL A 641 16.67 9.75 14.84
N THR A 642 15.68 10.62 14.72
CA THR A 642 15.80 11.79 13.85
C THR A 642 16.91 12.72 14.35
N TYR A 643 17.02 12.85 15.66
CA TYR A 643 18.04 13.69 16.27
C TYR A 643 19.44 13.25 15.83
N LYS A 644 19.76 11.97 15.99
CA LYS A 644 21.07 11.48 15.59
C LYS A 644 21.29 11.69 14.09
N GLY A 645 20.22 11.58 13.31
CA GLY A 645 20.34 11.78 11.88
C GLY A 645 20.81 13.18 11.51
N ARG A 646 20.19 14.19 12.10
CA ARG A 646 20.56 15.57 11.82
C ARG A 646 22.00 15.78 12.27
N GLU A 647 22.33 15.25 13.44
CA GLU A 647 23.68 15.34 13.99
C GLU A 647 24.69 14.74 13.00
N ILE A 648 24.38 13.55 12.49
CA ILE A 648 25.27 12.88 11.55
C ILE A 648 25.41 13.64 10.24
N LEU A 649 24.33 14.25 9.77
CA LEU A 649 24.39 15.00 8.52
C LEU A 649 25.27 16.25 8.72
N MET A 650 25.08 16.94 9.83
CA MET A 650 25.88 18.12 10.13
C MET A 650 27.36 17.76 10.15
N HIS A 651 27.73 16.70 10.87
CA HIS A 651 29.14 16.30 10.94
C HIS A 651 29.69 15.92 9.59
N THR A 652 28.89 15.24 8.77
CA THR A 652 29.38 14.86 7.45
C THR A 652 29.58 16.09 6.57
N LYS A 653 28.74 17.10 6.74
CA LYS A 653 28.87 18.31 5.96
C LYS A 653 30.17 19.01 6.37
N GLU A 654 30.31 19.29 7.66
CA GLU A 654 31.49 19.96 8.19
C GLU A 654 32.78 19.22 7.82
N MET A 655 32.71 17.90 7.78
CA MET A 655 33.87 17.12 7.44
C MET A 655 34.28 17.31 5.99
N VAL A 656 33.32 17.26 5.09
CA VAL A 656 33.61 17.43 3.67
C VAL A 656 34.16 18.84 3.44
N GLN A 657 33.72 19.78 4.26
CA GLN A 657 34.16 21.16 4.14
C GLN A 657 35.60 21.30 4.62
N LYS A 658 35.95 20.61 5.70
CA LYS A 658 37.32 20.66 6.21
C LYS A 658 38.29 20.13 5.16
N MET A 659 37.79 19.26 4.28
CA MET A 659 38.61 18.70 3.21
C MET A 659 38.71 19.73 2.08
N ASN A 660 38.24 20.94 2.35
CA ASN A 660 38.25 22.01 1.36
C ASN A 660 37.43 21.59 0.14
N LEU A 661 36.22 21.14 0.41
CA LEU A 661 35.33 20.72 -0.65
C LEU A 661 34.07 21.58 -0.59
N GLU A 662 33.47 21.84 -1.75
CA GLU A 662 32.27 22.65 -1.80
C GLU A 662 30.98 21.86 -1.72
N VAL A 663 30.29 22.01 -0.60
CA VAL A 663 29.01 21.36 -0.35
C VAL A 663 27.92 22.32 -0.79
N ILE A 664 27.27 21.98 -1.91
CA ILE A 664 26.21 22.83 -2.43
C ILE A 664 24.80 22.41 -2.01
N TYR A 665 24.66 21.24 -1.40
CA TYR A 665 23.33 20.77 -0.99
C TYR A 665 23.38 19.45 -0.22
N GLY A 666 22.24 19.08 0.38
CA GLY A 666 22.16 17.84 1.14
C GLY A 666 20.77 17.68 1.73
N ASP A 667 20.21 16.46 1.66
CA ASP A 667 18.87 16.21 2.18
C ASP A 667 18.78 15.02 3.14
N THR A 668 18.71 15.32 4.44
CA THR A 668 18.57 14.28 5.47
C THR A 668 19.77 13.33 5.64
N ASP A 669 20.18 12.64 4.58
CA ASP A 669 21.30 11.69 4.66
C ASP A 669 22.16 11.77 3.42
N SER A 670 22.16 12.92 2.76
CA SER A 670 22.97 13.07 1.57
C SER A 670 23.82 14.36 1.60
N ILE A 671 24.85 14.36 0.75
CA ILE A 671 25.77 15.49 0.62
C ILE A 671 26.05 15.67 -0.86
N MET A 672 25.87 16.89 -1.34
CA MET A 672 26.12 17.15 -2.75
C MET A 672 27.37 18.03 -2.81
N ILE A 673 28.31 17.65 -3.67
CA ILE A 673 29.58 18.35 -3.80
C ILE A 673 29.90 18.82 -5.22
N ASN A 674 30.36 20.06 -5.34
CA ASN A 674 30.75 20.62 -6.64
C ASN A 674 32.25 20.34 -6.72
N THR A 675 32.63 19.37 -7.55
CA THR A 675 34.05 19.01 -7.69
C THR A 675 34.80 20.06 -8.50
N ASN A 676 34.06 20.79 -9.33
CA ASN A 676 34.64 21.81 -10.18
C ASN A 676 35.60 21.13 -11.14
N SER A 677 35.68 19.81 -11.07
CA SER A 677 36.56 19.05 -11.96
C SER A 677 35.85 18.66 -13.24
N THR A 678 36.64 18.28 -14.24
CA THR A 678 36.12 17.87 -15.53
C THR A 678 36.65 16.46 -15.81
N ASN A 679 37.44 15.97 -14.84
CA ASN A 679 38.05 14.65 -14.91
C ASN A 679 37.20 13.63 -14.15
N LEU A 680 36.47 12.80 -14.89
CA LEU A 680 35.61 11.80 -14.26
C LEU A 680 36.39 10.88 -13.33
N GLU A 681 37.37 10.16 -13.89
CA GLU A 681 38.16 9.23 -13.09
C GLU A 681 38.64 9.85 -11.78
N GLU A 682 39.01 11.11 -11.82
CA GLU A 682 39.48 11.80 -10.62
C GLU A 682 38.34 11.97 -9.63
N VAL A 683 37.18 12.38 -10.14
CA VAL A 683 35.99 12.58 -9.30
C VAL A 683 35.65 11.29 -8.54
N PHE A 684 35.61 10.17 -9.27
CA PHE A 684 35.33 8.88 -8.63
C PHE A 684 36.34 8.59 -7.52
N LYS A 685 37.60 8.96 -7.75
CA LYS A 685 38.64 8.73 -6.75
C LYS A 685 38.34 9.60 -5.53
N LEU A 686 37.95 10.84 -5.79
CA LEU A 686 37.61 11.76 -4.72
C LEU A 686 36.41 11.22 -3.94
N GLY A 687 35.47 10.63 -4.66
CA GLY A 687 34.29 10.07 -4.03
C GLY A 687 34.62 8.96 -3.06
N ASN A 688 35.35 7.96 -3.54
CA ASN A 688 35.74 6.83 -2.73
C ASN A 688 36.61 7.28 -1.57
N LYS A 689 37.29 8.40 -1.77
CA LYS A 689 38.16 8.96 -0.74
C LYS A 689 37.33 9.53 0.41
N VAL A 690 36.33 10.35 0.08
CA VAL A 690 35.43 10.94 1.09
C VAL A 690 34.64 9.82 1.74
N LYS A 691 34.14 8.88 0.92
CA LYS A 691 33.40 7.73 1.43
C LYS A 691 34.19 7.05 2.55
N SER A 692 35.42 6.64 2.24
CA SER A 692 36.31 5.98 3.20
C SER A 692 36.50 6.79 4.47
N GLU A 693 36.70 8.10 4.32
CA GLU A 693 36.89 8.99 5.45
C GLU A 693 35.67 9.04 6.37
N VAL A 694 34.49 9.04 5.77
CA VAL A 694 33.26 9.08 6.55
C VAL A 694 32.97 7.76 7.26
N ASN A 695 32.95 6.67 6.50
CA ASN A 695 32.63 5.36 7.06
C ASN A 695 33.54 4.98 8.22
N LYS A 696 34.71 5.61 8.24
CA LYS A 696 35.72 5.40 9.26
C LYS A 696 35.21 5.69 10.67
N LEU A 697 34.25 6.59 10.77
CA LEU A 697 33.71 6.99 12.06
C LEU A 697 32.64 6.09 12.68
N TYR A 698 32.15 5.11 11.93
CA TYR A 698 31.07 4.30 12.46
C TYR A 698 31.26 2.78 12.45
N LYS A 699 30.53 2.11 13.33
CA LYS A 699 30.58 0.65 13.43
C LYS A 699 29.74 0.04 12.30
N LEU A 700 28.51 0.50 12.14
CA LEU A 700 27.62 -0.03 11.10
C LEU A 700 27.24 0.93 9.98
N LEU A 701 27.02 2.20 10.32
CA LEU A 701 26.62 3.21 9.33
C LEU A 701 27.63 3.37 8.17
N GLU A 702 27.13 3.27 6.93
CA GLU A 702 27.97 3.37 5.74
C GLU A 702 27.44 4.33 4.68
N ILE A 703 28.27 5.27 4.24
CA ILE A 703 27.87 6.21 3.20
C ILE A 703 28.41 5.71 1.87
N ASP A 704 27.77 6.10 0.77
CA ASP A 704 28.21 5.65 -0.55
C ASP A 704 28.03 6.69 -1.62
N ILE A 705 28.57 6.40 -2.80
CA ILE A 705 28.46 7.28 -3.94
C ILE A 705 27.12 6.95 -4.55
N ASP A 706 26.15 7.85 -4.36
CA ASP A 706 24.82 7.65 -4.90
C ASP A 706 24.87 7.89 -6.41
N GLY A 707 25.65 8.88 -6.83
CA GLY A 707 25.76 9.16 -8.24
C GLY A 707 26.68 10.33 -8.57
N VAL A 708 26.85 10.57 -9.86
CA VAL A 708 27.70 11.65 -10.35
C VAL A 708 26.98 12.34 -11.50
N PHE A 709 26.87 13.68 -11.43
CA PHE A 709 26.18 14.42 -12.49
C PHE A 709 27.13 15.18 -13.41
N LYS A 710 26.79 15.21 -14.69
CA LYS A 710 27.59 15.92 -15.68
C LYS A 710 27.18 17.40 -15.69
N SER A 711 25.89 17.67 -15.42
CA SER A 711 25.36 19.03 -15.33
C SER A 711 24.22 19.03 -14.33
N LEU A 712 24.08 20.13 -13.60
CA LEU A 712 23.03 20.23 -12.59
C LEU A 712 22.31 21.57 -12.51
N LEU A 713 20.98 21.54 -12.56
CA LEU A 713 20.19 22.75 -12.40
C LEU A 713 19.54 22.62 -11.04
N LEU A 714 20.11 23.27 -10.03
CA LEU A 714 19.61 23.25 -8.66
C LEU A 714 18.75 24.49 -8.42
N LEU A 715 17.44 24.30 -8.23
CA LEU A 715 16.52 25.43 -8.04
C LEU A 715 16.17 25.80 -6.62
N LYS A 716 15.87 24.79 -5.82
CA LYS A 716 15.48 25.03 -4.42
C LYS A 716 15.64 23.71 -3.69
N LYS A 717 15.48 23.73 -2.37
CA LYS A 717 15.55 22.51 -1.59
C LYS A 717 14.61 21.49 -2.24
N LYS A 718 15.07 20.24 -2.38
CA LYS A 718 14.26 19.16 -2.95
C LYS A 718 13.76 19.37 -4.37
N LYS A 719 14.38 20.29 -5.09
CA LYS A 719 14.00 20.56 -6.48
C LYS A 719 15.22 20.78 -7.35
N TYR A 720 15.48 19.84 -8.24
CA TYR A 720 16.62 19.94 -9.14
C TYR A 720 16.53 18.96 -10.31
N ALA A 721 17.28 19.26 -11.36
CA ALA A 721 17.33 18.46 -12.57
C ALA A 721 18.81 18.17 -12.84
N ALA A 722 19.10 17.11 -13.59
CA ALA A 722 20.49 16.79 -13.86
C ALA A 722 20.70 15.68 -14.86
N LEU A 723 21.85 15.73 -15.52
CA LEU A 723 22.24 14.68 -16.46
C LEU A 723 23.07 13.77 -15.59
N VAL A 724 22.62 12.53 -15.45
CA VAL A 724 23.29 11.56 -14.59
C VAL A 724 24.27 10.69 -15.34
N VAL A 725 25.51 10.64 -14.84
CA VAL A 725 26.57 9.84 -15.45
C VAL A 725 26.36 8.34 -15.28
N GLU A 726 26.47 7.63 -16.39
CA GLU A 726 26.32 6.18 -16.39
C GLU A 726 27.50 5.59 -17.17
N PRO A 727 28.57 5.24 -16.45
CA PRO A 727 29.77 4.66 -17.07
C PRO A 727 29.53 3.43 -17.93
N THR A 728 30.35 3.29 -18.97
CA THR A 728 30.28 2.16 -19.88
C THR A 728 31.61 1.41 -19.85
N SER A 729 32.50 1.72 -20.78
CA SER A 729 33.81 1.08 -20.86
C SER A 729 34.88 2.16 -21.06
N ASP A 730 36.10 1.86 -20.65
CA ASP A 730 37.22 2.80 -20.80
C ASP A 730 36.91 4.19 -20.27
N GLY A 731 36.35 4.27 -19.06
CA GLY A 731 36.04 5.57 -18.50
C GLY A 731 35.03 6.33 -19.34
N ASN A 732 34.40 5.64 -20.29
CA ASN A 732 33.39 6.26 -21.14
C ASN A 732 32.07 6.14 -20.40
N TYR A 733 31.10 6.97 -20.79
CA TYR A 733 29.81 6.96 -20.14
C TYR A 733 28.70 7.55 -20.98
N VAL A 734 27.48 7.09 -20.71
CA VAL A 734 26.31 7.62 -21.38
C VAL A 734 25.78 8.60 -20.34
N THR A 735 24.66 9.24 -20.63
CA THR A 735 24.11 10.19 -19.70
C THR A 735 22.59 10.11 -19.75
N LYS A 736 21.95 10.23 -18.59
CA LYS A 736 20.49 10.14 -18.49
C LYS A 736 19.93 11.28 -17.65
N GLN A 737 18.88 11.95 -18.15
CA GLN A 737 18.27 13.04 -17.41
C GLN A 737 17.47 12.51 -16.23
N GLU A 738 17.54 13.24 -15.12
CA GLU A 738 16.82 12.85 -13.92
C GLU A 738 16.23 14.08 -13.23
N LEU A 739 14.94 14.02 -12.92
CA LEU A 739 14.25 15.12 -12.25
C LEU A 739 13.86 14.79 -10.82
N LYS A 740 13.95 15.77 -9.94
CA LYS A 740 13.56 15.60 -8.56
C LYS A 740 12.70 16.79 -8.14
N GLY A 741 11.44 16.53 -7.80
CA GLY A 741 10.55 17.58 -7.34
C GLY A 741 10.09 18.71 -8.23
N LEU A 742 10.59 18.79 -9.45
CA LEU A 742 10.16 19.87 -10.34
C LEU A 742 8.66 19.74 -10.59
N ASP A 743 8.07 20.82 -11.08
CA ASP A 743 6.65 20.85 -11.39
C ASP A 743 6.41 19.82 -12.50
N ILE A 744 7.40 19.63 -13.36
CA ILE A 744 7.32 18.68 -14.46
C ILE A 744 6.95 17.25 -14.01
N VAL A 745 7.30 16.86 -12.79
CA VAL A 745 7.02 15.51 -12.30
C VAL A 745 5.68 15.36 -11.58
N ARG A 746 5.02 16.48 -11.31
CA ARG A 746 3.75 16.45 -10.60
C ARG A 746 2.55 16.19 -11.47
N ARG A 747 1.51 15.64 -10.85
CA ARG A 747 0.26 15.32 -11.51
C ARG A 747 -0.68 16.53 -11.65
N ASP A 748 -0.52 17.52 -10.77
CA ASP A 748 -1.39 18.68 -10.81
C ASP A 748 -1.01 19.87 -11.74
N TRP A 749 -0.31 19.56 -12.83
CA TRP A 749 0.01 20.55 -13.85
C TRP A 749 -0.32 19.80 -15.13
N CYS A 750 -0.77 20.49 -16.16
CA CYS A 750 -1.13 19.82 -17.40
C CYS A 750 0.11 19.39 -18.21
N ASP A 751 -0.07 18.46 -19.14
CA ASP A 751 1.03 17.95 -19.95
C ASP A 751 1.67 19.05 -20.79
N LEU A 752 0.84 19.98 -21.25
CA LEU A 752 1.31 21.08 -22.07
C LEU A 752 2.36 21.83 -21.28
N ALA A 753 1.99 22.22 -20.06
CA ALA A 753 2.91 22.95 -19.21
C ALA A 753 4.12 22.07 -18.89
N LYS A 754 3.89 20.80 -18.62
CA LYS A 754 4.98 19.89 -18.26
C LYS A 754 5.92 19.50 -19.38
N ASP A 755 5.39 19.27 -20.57
CA ASP A 755 6.25 18.92 -21.69
C ASP A 755 7.13 20.12 -22.09
N THR A 756 6.54 21.32 -22.04
CA THR A 756 7.26 22.54 -22.37
C THR A 756 8.36 22.76 -21.34
N GLY A 757 8.04 22.52 -20.08
CA GLY A 757 9.03 22.69 -19.03
C GLY A 757 10.17 21.69 -19.20
N ASN A 758 9.85 20.49 -19.67
CA ASN A 758 10.87 19.47 -19.85
C ASN A 758 11.78 19.83 -21.01
N PHE A 759 11.24 20.55 -21.99
CA PHE A 759 12.04 20.97 -23.15
C PHE A 759 13.09 21.97 -22.67
N VAL A 760 12.65 22.93 -21.85
CA VAL A 760 13.56 23.94 -21.32
C VAL A 760 14.68 23.28 -20.53
N ILE A 761 14.32 22.33 -19.67
CA ILE A 761 15.31 21.63 -18.85
C ILE A 761 16.32 20.93 -19.76
N GLY A 762 15.83 20.28 -20.81
CA GLY A 762 16.72 19.56 -21.69
C GLY A 762 17.72 20.48 -22.37
N GLN A 763 17.28 21.71 -22.64
CA GLN A 763 18.13 22.70 -23.29
C GLN A 763 19.17 23.26 -22.30
N ILE A 764 18.75 23.50 -21.07
CA ILE A 764 19.66 24.04 -20.06
C ILE A 764 20.78 23.10 -19.65
N LEU A 765 20.45 21.83 -19.48
CA LEU A 765 21.43 20.82 -19.09
C LEU A 765 22.37 20.47 -20.23
N SER A 766 22.03 20.99 -21.41
CA SER A 766 22.76 20.78 -22.66
C SER A 766 24.23 21.21 -22.68
N ASP A 767 24.89 20.85 -23.78
CA ASP A 767 26.28 21.18 -24.06
C ASP A 767 26.32 22.58 -24.63
N GLN A 768 25.38 22.84 -25.53
CA GLN A 768 25.24 24.13 -26.20
C GLN A 768 25.61 25.31 -25.31
N SER A 769 26.11 26.37 -25.93
CA SER A 769 26.50 27.57 -25.19
C SER A 769 25.23 28.18 -24.62
N ARG A 770 25.39 28.99 -23.59
CA ARG A 770 24.25 29.64 -22.97
C ARG A 770 23.43 30.42 -23.99
N ASP A 771 24.13 31.04 -24.94
CA ASP A 771 23.49 31.84 -25.98
C ASP A 771 22.54 31.03 -26.84
N THR A 772 23.07 29.99 -27.46
CA THR A 772 22.27 29.13 -28.32
C THR A 772 21.03 28.61 -27.60
N ILE A 773 21.19 28.26 -26.33
CA ILE A 773 20.11 27.73 -25.52
C ILE A 773 18.96 28.73 -25.36
N VAL A 774 19.29 29.91 -24.83
CA VAL A 774 18.29 30.95 -24.62
C VAL A 774 17.50 31.20 -25.88
N GLU A 775 18.17 31.13 -27.03
CA GLU A 775 17.48 31.34 -28.31
C GLU A 775 16.49 30.21 -28.54
N ASN A 776 16.97 28.98 -28.43
CA ASN A 776 16.14 27.80 -28.65
C ASN A 776 14.89 27.87 -27.77
N ILE A 777 15.10 28.22 -26.49
CA ILE A 777 14.00 28.33 -25.55
C ILE A 777 12.94 29.30 -26.06
N GLN A 778 13.37 30.51 -26.43
CA GLN A 778 12.44 31.53 -26.95
C GLN A 778 11.72 31.00 -28.19
N LYS A 779 12.52 30.46 -29.10
CA LYS A 779 12.01 29.91 -30.34
C LYS A 779 10.88 28.92 -30.07
N ARG A 780 11.08 28.04 -29.09
CA ARG A 780 10.08 27.04 -28.77
C ARG A 780 8.85 27.60 -28.06
N LEU A 781 9.06 28.45 -27.06
CA LEU A 781 7.93 29.01 -26.34
C LEU A 781 7.03 29.85 -27.23
N ILE A 782 7.63 30.68 -28.08
CA ILE A 782 6.83 31.49 -28.98
C ILE A 782 5.94 30.54 -29.77
N GLU A 783 6.53 29.44 -30.25
CA GLU A 783 5.79 28.43 -31.00
C GLU A 783 4.64 27.83 -30.20
N ILE A 784 4.92 27.44 -28.96
CA ILE A 784 3.90 26.84 -28.10
C ILE A 784 2.74 27.84 -27.97
N GLY A 785 3.08 29.10 -27.75
CA GLY A 785 2.06 30.13 -27.61
C GLY A 785 1.14 30.19 -28.84
N GLU A 786 1.73 30.07 -30.02
CA GLU A 786 0.94 30.10 -31.24
C GLU A 786 0.04 28.86 -31.32
N ASN A 787 0.62 27.67 -31.16
CA ASN A 787 -0.15 26.43 -31.22
C ASN A 787 -1.33 26.44 -30.27
N VAL A 788 -1.14 26.94 -29.05
CA VAL A 788 -2.23 26.98 -28.10
C VAL A 788 -3.36 27.87 -28.60
N LEU A 789 -3.02 28.99 -29.24
CA LEU A 789 -4.04 29.91 -29.75
C LEU A 789 -4.70 29.46 -31.03
N ASN A 790 -3.96 28.80 -31.91
CA ASN A 790 -4.55 28.33 -33.17
C ASN A 790 -5.30 27.02 -33.02
N GLY A 791 -5.26 26.43 -31.83
CA GLY A 791 -5.96 25.18 -31.57
C GLY A 791 -5.29 23.93 -32.12
N SER A 792 -3.97 23.93 -32.14
CA SER A 792 -3.20 22.80 -32.65
C SER A 792 -2.87 21.78 -31.55
N VAL A 793 -3.10 22.16 -30.30
CA VAL A 793 -2.80 21.32 -29.14
C VAL A 793 -3.89 20.30 -28.79
N PRO A 794 -3.53 19.00 -28.77
CA PRO A 794 -4.51 17.95 -28.43
C PRO A 794 -5.16 18.23 -27.07
N VAL A 795 -6.49 18.19 -27.04
CA VAL A 795 -7.26 18.46 -25.83
C VAL A 795 -6.79 17.73 -24.57
N SER A 796 -6.15 16.58 -24.72
CA SER A 796 -5.69 15.84 -23.56
C SER A 796 -4.56 16.56 -22.80
N GLN A 797 -3.73 17.29 -23.53
CA GLN A 797 -2.62 18.01 -22.89
C GLN A 797 -3.06 19.13 -21.96
N PHE A 798 -4.33 19.47 -21.99
CA PHE A 798 -4.84 20.52 -21.12
C PHE A 798 -5.35 19.96 -19.80
N GLU A 799 -5.38 18.64 -19.70
CA GLU A 799 -5.90 18.02 -18.49
C GLU A 799 -4.99 18.15 -17.28
N ILE A 800 -5.61 18.52 -16.17
CA ILE A 800 -4.94 18.69 -14.89
C ILE A 800 -5.53 17.62 -13.99
N ASN A 801 -4.68 16.98 -13.18
CA ASN A 801 -5.12 15.92 -12.28
C ASN A 801 -4.83 16.18 -10.81
N LYS A 802 -5.81 15.90 -9.96
CA LYS A 802 -5.66 16.08 -8.52
C LYS A 802 -6.43 14.96 -7.82
N ALA A 803 -5.88 14.48 -6.71
CA ALA A 803 -6.52 13.44 -5.93
C ALA A 803 -7.31 14.12 -4.82
N LEU A 804 -8.45 13.56 -4.46
CA LEU A 804 -9.25 14.15 -3.38
C LEU A 804 -8.82 13.51 -2.07
N THR A 805 -8.60 14.34 -1.06
CA THR A 805 -8.22 13.84 0.25
C THR A 805 -9.45 13.28 0.96
N LYS A 806 -10.62 13.82 0.60
CA LYS A 806 -11.88 13.42 1.20
C LYS A 806 -12.92 13.14 0.13
N ASP A 807 -14.04 12.54 0.53
CA ASP A 807 -15.12 12.27 -0.40
C ASP A 807 -15.61 13.65 -0.79
N PRO A 808 -15.89 13.87 -2.08
CA PRO A 808 -16.36 15.18 -2.55
C PRO A 808 -17.47 15.84 -1.73
N GLN A 809 -18.30 15.04 -1.08
CA GLN A 809 -19.40 15.57 -0.28
C GLN A 809 -18.92 16.22 1.02
N ASP A 810 -17.74 15.81 1.47
CA ASP A 810 -17.16 16.32 2.72
C ASP A 810 -16.43 17.65 2.63
N TYR A 811 -16.55 18.35 1.51
CA TYR A 811 -15.89 19.64 1.38
C TYR A 811 -16.87 20.77 1.57
N PRO A 812 -16.60 21.68 2.52
CA PRO A 812 -17.49 22.81 2.78
C PRO A 812 -17.33 23.92 1.74
N ASP A 813 -16.09 24.30 1.46
CA ASP A 813 -15.76 25.35 0.51
C ASP A 813 -15.64 24.85 -0.94
N LYS A 814 -16.33 23.76 -1.24
CA LYS A 814 -16.30 23.15 -2.57
C LYS A 814 -16.17 24.05 -3.80
N LYS A 815 -17.28 24.50 -4.36
CA LYS A 815 -17.32 25.33 -5.58
C LYS A 815 -16.01 25.89 -6.15
N SER A 816 -15.14 26.43 -5.31
CA SER A 816 -13.87 27.01 -5.76
C SER A 816 -12.71 26.01 -5.91
N LEU A 817 -12.97 24.74 -5.59
CA LEU A 817 -11.98 23.68 -5.70
C LEU A 817 -12.34 22.91 -6.96
N PRO A 818 -11.68 23.23 -8.08
CA PRO A 818 -11.94 22.57 -9.36
C PRO A 818 -12.06 21.04 -9.37
N HIS A 819 -11.16 20.32 -8.70
CA HIS A 819 -11.26 18.86 -8.73
C HIS A 819 -12.47 18.33 -7.94
N VAL A 820 -12.79 18.97 -6.82
CA VAL A 820 -13.93 18.56 -6.02
C VAL A 820 -15.23 18.86 -6.76
N HIS A 821 -15.18 19.90 -7.60
CA HIS A 821 -16.33 20.33 -8.36
C HIS A 821 -16.64 19.41 -9.52
N VAL A 822 -15.60 18.89 -10.16
CA VAL A 822 -15.81 17.98 -11.28
C VAL A 822 -16.20 16.59 -10.76
N ALA A 823 -15.78 16.29 -9.54
CA ALA A 823 -16.09 15.01 -8.94
C ALA A 823 -17.58 14.99 -8.57
N LEU A 824 -18.06 16.10 -8.00
CA LEU A 824 -19.47 16.20 -7.62
C LEU A 824 -20.35 16.05 -8.85
N TRP A 825 -19.87 16.53 -9.99
CA TRP A 825 -20.63 16.40 -11.22
C TRP A 825 -20.64 14.92 -11.60
N ILE A 826 -19.46 14.38 -11.88
CA ILE A 826 -19.29 12.98 -12.25
C ILE A 826 -20.16 12.06 -11.40
N ASN A 827 -20.05 12.23 -10.08
CA ASN A 827 -20.82 11.42 -9.14
C ASN A 827 -22.31 11.52 -9.39
N SER A 828 -22.85 12.69 -9.08
CA SER A 828 -24.27 12.98 -9.22
C SER A 828 -24.78 12.79 -10.64
N GLN A 829 -23.90 12.59 -11.60
CA GLN A 829 -24.36 12.47 -12.97
C GLN A 829 -24.63 11.05 -13.49
N GLY A 830 -23.70 10.13 -13.32
CA GLY A 830 -23.94 8.79 -13.85
C GLY A 830 -23.69 7.59 -12.96
N GLY A 831 -22.99 6.61 -13.52
CA GLY A 831 -22.69 5.37 -12.81
C GLY A 831 -21.64 5.46 -11.71
N ARG A 832 -20.40 5.10 -12.05
CA ARG A 832 -19.30 5.13 -11.08
C ARG A 832 -19.24 6.41 -10.25
N LYS A 833 -18.67 6.31 -9.06
CA LYS A 833 -18.57 7.48 -8.20
C LYS A 833 -17.21 7.67 -7.56
N VAL A 834 -16.68 8.89 -7.72
CA VAL A 834 -15.39 9.28 -7.20
C VAL A 834 -15.42 9.43 -5.67
N LYS A 835 -14.40 8.92 -5.01
CA LYS A 835 -14.33 9.03 -3.57
C LYS A 835 -12.92 9.36 -3.07
N ALA A 836 -12.80 9.62 -1.78
CA ALA A 836 -11.52 9.97 -1.18
C ALA A 836 -10.43 9.03 -1.70
N GLY A 837 -9.34 9.61 -2.19
CA GLY A 837 -8.25 8.80 -2.68
C GLY A 837 -8.17 8.71 -4.19
N ASP A 838 -9.28 9.01 -4.88
CA ASP A 838 -9.30 8.97 -6.34
C ASP A 838 -8.75 10.28 -6.89
N THR A 839 -8.21 10.24 -8.10
CA THR A 839 -7.69 11.45 -8.71
C THR A 839 -8.73 11.85 -9.74
N VAL A 840 -8.93 13.16 -9.89
CA VAL A 840 -9.89 13.67 -10.85
C VAL A 840 -9.18 14.48 -11.91
N SER A 841 -9.53 14.21 -13.15
CA SER A 841 -8.96 14.90 -14.30
C SER A 841 -9.94 16.00 -14.74
N TYR A 842 -9.42 17.19 -15.05
CA TYR A 842 -10.27 18.31 -15.48
C TYR A 842 -9.55 19.34 -16.35
N VAL A 843 -10.34 20.22 -16.96
CA VAL A 843 -9.82 21.27 -17.82
C VAL A 843 -10.54 22.58 -17.50
N ILE A 844 -9.85 23.70 -17.66
CA ILE A 844 -10.45 25.01 -17.39
C ILE A 844 -11.04 25.56 -18.67
N CYS A 845 -12.33 25.89 -18.63
CA CYS A 845 -13.01 26.37 -19.82
C CYS A 845 -13.68 27.71 -19.74
N GLN A 846 -13.91 28.30 -20.92
CA GLN A 846 -14.60 29.57 -21.07
C GLN A 846 -16.08 29.20 -20.96
N ASP A 847 -16.69 29.62 -19.87
CA ASP A 847 -18.10 29.35 -19.61
C ASP A 847 -18.97 30.36 -20.34
N GLY A 848 -18.58 31.62 -20.18
CA GLY A 848 -19.31 32.72 -20.74
C GLY A 848 -20.07 33.16 -19.50
N SER A 849 -19.42 33.00 -18.34
CA SER A 849 -20.02 33.32 -17.06
C SER A 849 -19.15 34.14 -16.12
N ASN A 850 -18.09 34.74 -16.65
CA ASN A 850 -17.15 35.57 -15.88
C ASN A 850 -16.74 35.15 -14.45
N LEU A 851 -16.86 33.86 -14.12
CA LEU A 851 -16.44 33.40 -12.80
C LEU A 851 -14.92 33.21 -12.83
N THR A 852 -14.28 33.03 -11.66
CA THR A 852 -12.82 32.83 -11.64
C THR A 852 -12.48 31.52 -12.33
N ALA A 853 -11.22 31.36 -12.71
CA ALA A 853 -10.78 30.14 -13.37
C ALA A 853 -11.10 28.92 -12.51
N SER A 854 -10.83 29.02 -11.22
CA SER A 854 -11.09 27.91 -10.30
C SER A 854 -12.55 27.48 -10.25
N GLN A 855 -13.45 28.32 -10.75
CA GLN A 855 -14.86 28.00 -10.71
C GLN A 855 -15.37 27.60 -12.09
N ARG A 856 -14.46 27.47 -13.05
CA ARG A 856 -14.83 27.10 -14.41
C ARG A 856 -14.17 25.79 -14.82
N ALA A 857 -14.13 24.84 -13.88
CA ALA A 857 -13.53 23.53 -14.12
C ALA A 857 -14.55 22.54 -14.70
N TYR A 858 -14.15 21.82 -15.74
CA TYR A 858 -15.03 20.86 -16.39
C TYR A 858 -14.34 19.54 -16.76
N ALA A 859 -15.15 18.49 -16.92
CA ALA A 859 -14.62 17.18 -17.27
C ALA A 859 -14.28 17.20 -18.75
N PRO A 860 -13.27 16.44 -19.15
CA PRO A 860 -12.87 16.40 -20.57
C PRO A 860 -14.04 16.08 -21.49
N GLU A 861 -14.85 15.09 -21.12
CA GLU A 861 -16.01 14.68 -21.92
C GLU A 861 -16.99 15.83 -22.02
N GLN A 862 -17.19 16.49 -20.88
CA GLN A 862 -18.09 17.62 -20.73
C GLN A 862 -17.71 18.75 -21.69
N LEU A 863 -16.42 18.88 -21.99
CA LEU A 863 -15.94 19.93 -22.90
C LEU A 863 -16.13 19.54 -24.37
N GLN A 864 -15.61 18.37 -24.71
CA GLN A 864 -15.67 17.86 -26.07
C GLN A 864 -17.11 17.69 -26.55
N LYS A 865 -18.01 17.41 -25.61
CA LYS A 865 -19.42 17.18 -25.90
C LYS A 865 -20.26 18.45 -25.95
N GLN A 866 -19.98 19.37 -25.03
CA GLN A 866 -20.72 20.63 -24.94
C GLN A 866 -20.15 21.73 -25.84
N ASP A 867 -21.03 22.58 -26.38
CA ASP A 867 -20.61 23.65 -27.29
C ASP A 867 -20.29 25.00 -26.67
N ASN A 868 -21.01 25.37 -25.61
CA ASN A 868 -20.76 26.66 -24.96
C ASN A 868 -19.43 26.62 -24.19
N LEU A 869 -18.87 25.42 -24.06
CA LEU A 869 -17.62 25.23 -23.35
C LEU A 869 -16.45 25.23 -24.31
N THR A 870 -15.39 25.94 -23.95
CA THR A 870 -14.20 26.01 -24.76
C THR A 870 -12.98 26.24 -23.88
N ILE A 871 -11.82 25.74 -24.30
CA ILE A 871 -10.59 25.90 -23.53
C ILE A 871 -10.20 27.37 -23.35
N ASP A 872 -10.00 27.75 -22.08
CA ASP A 872 -9.62 29.10 -21.70
C ASP A 872 -8.12 29.28 -21.95
N THR A 873 -7.76 29.49 -23.22
CA THR A 873 -6.36 29.68 -23.61
C THR A 873 -5.57 30.62 -22.70
N GLN A 874 -6.21 31.70 -22.27
CA GLN A 874 -5.55 32.66 -21.41
C GLN A 874 -5.09 32.00 -20.12
N TYR A 875 -5.98 31.20 -19.53
CA TYR A 875 -5.65 30.51 -18.29
C TYR A 875 -4.43 29.62 -18.46
N TYR A 876 -4.45 28.79 -19.51
CA TYR A 876 -3.32 27.89 -19.75
C TYR A 876 -1.99 28.56 -20.02
N LEU A 877 -2.01 29.71 -20.71
CA LEU A 877 -0.75 30.40 -21.01
C LEU A 877 -0.18 31.14 -19.79
N ALA A 878 -1.05 31.72 -18.97
CA ALA A 878 -0.59 32.47 -17.81
C ALA A 878 -0.58 31.74 -16.46
N GLN A 879 -1.44 30.74 -16.31
CA GLN A 879 -1.51 30.01 -15.04
C GLN A 879 -0.91 28.61 -15.07
N GLN A 880 -0.50 28.15 -16.25
CA GLN A 880 0.09 26.82 -16.36
C GLN A 880 1.51 26.88 -16.93
N ILE A 881 1.63 27.28 -18.19
CA ILE A 881 2.94 27.35 -18.84
C ILE A 881 3.88 28.39 -18.25
N HIS A 882 3.41 29.62 -18.16
CA HIS A 882 4.28 30.66 -17.63
C HIS A 882 4.89 30.39 -16.25
N PRO A 883 4.07 29.98 -15.26
CA PRO A 883 4.57 29.70 -13.91
C PRO A 883 5.63 28.59 -13.87
N VAL A 884 5.45 27.58 -14.71
CA VAL A 884 6.37 26.46 -14.75
C VAL A 884 7.71 26.86 -15.36
N VAL A 885 7.67 27.49 -16.54
CA VAL A 885 8.90 27.91 -17.18
C VAL A 885 9.62 28.98 -16.36
N ALA A 886 8.88 29.90 -15.75
CA ALA A 886 9.52 30.95 -14.97
C ALA A 886 10.30 30.39 -13.80
N ARG A 887 9.73 29.42 -13.09
CA ARG A 887 10.45 28.85 -11.96
C ARG A 887 11.71 28.11 -12.44
N ILE A 888 11.62 27.47 -13.60
CA ILE A 888 12.76 26.73 -14.14
C ILE A 888 13.87 27.68 -14.61
N CYS A 889 13.50 28.78 -15.27
CA CYS A 889 14.48 29.73 -15.77
C CYS A 889 14.96 30.75 -14.73
N GLU A 890 14.35 30.74 -13.55
CA GLU A 890 14.71 31.66 -12.48
C GLU A 890 16.21 31.93 -12.32
N PRO A 891 17.06 30.89 -12.41
CA PRO A 891 18.50 31.14 -12.25
C PRO A 891 19.25 31.34 -13.57
N ILE A 892 18.58 31.13 -14.70
CA ILE A 892 19.26 31.29 -15.98
C ILE A 892 19.33 32.76 -16.41
N ASP A 893 20.56 33.24 -16.61
CA ASP A 893 20.77 34.61 -17.04
C ASP A 893 20.37 34.72 -18.50
N GLY A 894 19.53 35.70 -18.80
CA GLY A 894 19.09 35.88 -20.17
C GLY A 894 17.59 35.70 -20.28
N ILE A 895 17.02 34.81 -19.45
CA ILE A 895 15.58 34.58 -19.44
C ILE A 895 15.05 35.33 -18.24
N ASP A 896 13.77 35.66 -18.26
CA ASP A 896 13.17 36.39 -17.16
C ASP A 896 11.66 36.20 -17.24
N ALA A 897 10.96 36.45 -16.13
CA ALA A 897 9.51 36.28 -16.08
C ALA A 897 8.74 37.19 -17.05
N VAL A 898 9.11 38.47 -17.09
CA VAL A 898 8.46 39.41 -17.99
C VAL A 898 8.64 38.91 -19.42
N LEU A 899 9.87 38.55 -19.75
CA LEU A 899 10.20 38.07 -21.08
C LEU A 899 9.36 36.85 -21.47
N ILE A 900 9.31 35.85 -20.59
CA ILE A 900 8.55 34.63 -20.83
C ILE A 900 7.10 34.97 -21.12
N ALA A 901 6.58 36.01 -20.49
CA ALA A 901 5.21 36.44 -20.73
C ALA A 901 5.04 36.98 -22.16
N THR A 902 6.02 37.73 -22.66
CA THR A 902 5.91 38.28 -24.01
C THR A 902 6.01 37.18 -25.08
N TRP A 903 6.80 36.14 -24.82
CA TRP A 903 6.91 35.05 -25.79
C TRP A 903 5.52 34.42 -25.92
N LEU A 904 4.87 34.20 -24.78
CA LEU A 904 3.54 33.60 -24.75
C LEU A 904 2.43 34.55 -25.22
N GLY A 905 2.82 35.77 -25.57
CA GLY A 905 1.83 36.73 -26.04
C GLY A 905 0.90 37.23 -24.95
N LEU A 906 1.42 37.31 -23.73
CA LEU A 906 0.63 37.79 -22.61
C LEU A 906 1.10 39.19 -22.26
N ASP A 907 0.20 39.98 -21.69
CA ASP A 907 0.54 41.33 -21.28
C ASP A 907 1.34 41.18 -19.98
N PRO A 908 2.66 41.41 -20.04
CA PRO A 908 3.60 41.31 -18.93
C PRO A 908 3.10 41.79 -17.57
N THR A 909 2.20 42.77 -17.57
CA THR A 909 1.67 43.27 -16.31
C THR A 909 0.59 42.30 -15.81
N1 DCP D . 12.77 8.19 5.16
C2 DCP D . 11.56 7.76 5.65
N3 DCP D . 10.58 7.36 4.81
C4 DCP D . 10.76 7.38 3.47
C5 DCP D . 11.99 7.82 2.92
C6 DCP D . 12.98 8.22 3.78
O2 DCP D . 11.36 7.72 6.86
N4 DCP D . 9.75 6.98 2.63
C1' DCP D . 13.86 8.61 6.10
C2' DCP D . 14.45 7.33 6.69
C3' DCP D . 15.67 7.07 5.80
C4' DCP D . 16.20 8.52 5.59
O4' DCP D . 14.95 9.30 5.44
O3' DCP D . 16.63 6.27 6.53
C5' DCP D . 17.05 8.66 4.31
O5' DCP D . 16.22 8.58 3.16
PA DCP D . 16.79 7.60 2.00
O1A DCP D . 18.24 7.82 1.75
O2A DCP D . 16.00 7.84 0.66
O3A DCP D . 16.42 6.09 2.52
PB DCP D . 17.60 5.18 3.15
O1B DCP D . 17.17 4.65 4.44
O2B DCP D . 18.97 5.98 3.35
O3B DCP D . 17.74 3.97 2.08
PG DCP D . 18.93 4.06 1.00
O1G DCP D . 18.36 3.74 -0.31
O2G DCP D . 20.04 3.01 1.42
O3G DCP D . 19.59 5.54 0.92
MG MG E . 20.24 6.76 2.09
ZN ZN F . 19.13 9.91 0.91
ZN ZN G . 3.00 -34.52 8.83
K K H . 16.59 34.45 -14.83
OH2 1PE I . -10.62 -34.18 2.68
C12 1PE I . -9.52 -33.81 3.55
C22 1PE I . -10.03 -33.03 4.77
OH3 1PE I . -9.51 -33.61 6.00
C13 1PE I . -10.68 -35.20 7.49
C23 1PE I . -10.56 -33.73 7.00
OH4 1PE I . -9.68 -35.49 8.51
C14 1PE I . -7.96 -37.23 8.87
C24 1PE I . -9.45 -36.93 8.59
OH5 1PE I . -7.42 -38.08 7.82
C15 1PE I . -5.48 -38.63 6.40
C25 1PE I . -6.02 -37.79 7.58
OH6 1PE I . -6.06 -38.18 5.15
C16 1PE I . -6.74 -39.28 3.07
C26 1PE I . -5.58 -38.98 4.04
OH7 1PE I . -6.61 -40.72 2.50
C1 EDO J . 1.75 -11.95 25.67
O1 EDO J . 1.62 -10.70 26.36
C2 EDO J . 2.51 -12.96 26.53
O2 EDO J . 3.82 -13.18 25.97
ZN ZN K . -3.56 22.17 3.48
#